data_3RZA
#
_entry.id   3RZA
#
_cell.length_a   46.996
_cell.length_b   57.805
_cell.length_c   79.857
_cell.angle_alpha   89.670
_cell.angle_beta   73.380
_cell.angle_gamma   72.360
#
_symmetry.space_group_name_H-M   'P 1'
#
loop_
_entity.id
_entity.type
_entity.pdbx_description
1 polymer tripeptidase
2 non-polymer 'ZINC ION'
3 non-polymer 'CALCIUM ION'
4 non-polymer 'CITRIC ACID'
5 non-polymer 'ISOPROPYL ALCOHOL'
6 non-polymer DI(HYDROXYETHYL)ETHER
7 non-polymer 'TETRAETHYLENE GLYCOL'
8 non-polymer 'TRIETHYLENE GLYCOL'
9 water water
#
_entity_poly.entity_id   1
_entity_poly.type   'polypeptide(L)'
_entity_poly.pdbx_seq_one_letter_code
;(MSE)GSDKIHHHHHHENLYFQG(MSE)INEQRLLNTFLELVQIDSETGNESTIQPILKEKFIALGLDVKEDEAAKHPKL
GANNLVCT(MSE)NSTIEEGEVPKLYLTSH(MSE)DTVVPAINVKPIVKDDGYIYSDGTTILGADDKAGLAA(MSE)LEV
LQVIKEQQIPHGQIQFVITVGEESGLIGAKELNSELLDADFGYAIDASADVGTTVVGAPTQ(MSE)LISAKIIGKTAHAS
TPKEGVSAINIAAKAISR(MSE)KLGQVDEITTANIGKFHGGSATNIVADEVILEAEARSHDPERIKTQVKH(MSE)TDV
FETTASELGGKAEVTVEQSYPGFKINDNEAVVKIAQESARNLGLSANTIISGGGSDGSIINTFGIPSVILGVGYEKIHTT
NER(MSE)PIKSLNLLASQVLEIIKIVARQSK
;
_entity_poly.pdbx_strand_id   A,B
#
loop_
_chem_comp.id
_chem_comp.type
_chem_comp.name
_chem_comp.formula
CA non-polymer 'CALCIUM ION' 'Ca 2'
CIT non-polymer 'CITRIC ACID' 'C6 H8 O7'
IPA non-polymer 'ISOPROPYL ALCOHOL' 'C3 H8 O'
PEG non-polymer DI(HYDROXYETHYL)ETHER 'C4 H10 O3'
PG4 non-polymer 'TETRAETHYLENE GLYCOL' 'C8 H18 O5'
PGE non-polymer 'TRIETHYLENE GLYCOL' 'C6 H14 O4'
ZN non-polymer 'ZINC ION' 'Zn 2'
#
# COMPACT_ATOMS: atom_id res chain seq x y z
N GLY A 19 37.36 40.82 1.68
CA GLY A 19 38.40 41.12 0.64
C GLY A 19 37.76 41.62 -0.64
N MSE A 20 37.23 40.67 -1.43
CA MSE A 20 36.67 40.92 -2.80
C MSE A 20 35.13 40.65 -2.95
O MSE A 20 34.41 41.57 -3.36
CB MSE A 20 37.46 40.12 -3.85
CG MSE A 20 37.14 40.48 -5.30
SE MSE A 20 38.65 41.04 -6.42
CE MSE A 20 39.47 42.43 -5.27
N ILE A 21 34.63 39.43 -2.65
CA ILE A 21 33.16 39.25 -2.47
C ILE A 21 32.71 39.94 -1.16
N ASN A 22 31.53 40.52 -1.21
CA ASN A 22 30.95 41.24 -0.08
C ASN A 22 30.12 40.21 0.67
N GLU A 23 30.63 39.76 1.80
CA GLU A 23 30.09 38.60 2.53
C GLU A 23 28.71 38.87 3.13
N GLN A 24 28.53 40.06 3.69
CA GLN A 24 27.23 40.47 4.21
C GLN A 24 26.21 40.60 3.09
N ARG A 25 26.61 41.22 1.98
CA ARG A 25 25.69 41.35 0.84
C ARG A 25 25.26 39.99 0.29
N LEU A 26 26.22 39.06 0.19
CA LEU A 26 25.95 37.66 -0.23
C LEU A 26 24.93 37.00 0.68
N LEU A 27 25.16 37.12 2.00
CA LEU A 27 24.26 36.57 3.02
C LEU A 27 22.84 37.17 2.89
N ASN A 28 22.75 38.48 2.76
CA ASN A 28 21.45 39.15 2.59
C ASN A 28 20.72 38.70 1.32
N THR A 29 21.45 38.52 0.21
CA THR A 29 20.89 37.99 -1.04
C THR A 29 20.36 36.58 -0.88
N PHE A 30 21.12 35.73 -0.19
CA PHE A 30 20.67 34.37 0.10
C PHE A 30 19.39 34.37 0.93
N LEU A 31 19.35 35.21 1.98
CA LEU A 31 18.19 35.28 2.86
C LEU A 31 16.95 35.79 2.11
N GLU A 32 17.14 36.78 1.25
CA GLU A 32 16.09 37.30 0.39
C GLU A 32 15.45 36.19 -0.48
N LEU A 33 16.30 35.38 -1.12
CA LEU A 33 15.83 34.37 -2.05
C LEU A 33 15.08 33.22 -1.39
N VAL A 34 15.58 32.73 -0.23
CA VAL A 34 14.91 31.61 0.48
C VAL A 34 13.48 31.97 0.95
N GLN A 35 13.26 33.24 1.29
CA GLN A 35 11.97 33.75 1.70
C GLN A 35 10.95 34.01 0.57
N ILE A 36 11.33 33.75 -0.70
CA ILE A 36 10.38 33.77 -1.82
C ILE A 36 10.05 32.31 -2.13
N ASP A 37 8.81 31.91 -1.86
CA ASP A 37 8.35 30.54 -2.07
C ASP A 37 8.57 30.17 -3.54
N SER A 38 9.26 29.07 -3.79
CA SER A 38 9.40 28.50 -5.14
C SER A 38 9.38 26.96 -5.09
N GLU A 39 8.34 26.39 -4.49
CA GLU A 39 8.17 24.93 -4.49
C GLU A 39 8.06 24.49 -5.92
N THR A 40 8.64 23.33 -6.25
CA THR A 40 8.74 22.87 -7.66
C THR A 40 7.37 22.83 -8.32
N GLY A 41 7.30 23.31 -9.55
CA GLY A 41 6.05 23.56 -10.24
C GLY A 41 5.35 24.89 -10.01
N ASN A 42 5.74 25.63 -8.96
CA ASN A 42 5.16 26.94 -8.63
C ASN A 42 6.23 28.02 -8.60
N GLU A 43 6.99 28.09 -9.70
CA GLU A 43 8.11 29.02 -9.85
C GLU A 43 7.68 30.42 -10.34
N SER A 44 6.38 30.62 -10.63
CA SER A 44 5.87 31.87 -11.24
C SER A 44 6.12 33.18 -10.47
N THR A 45 6.28 33.10 -9.15
CA THR A 45 6.58 34.29 -8.34
C THR A 45 8.07 34.63 -8.32
N ILE A 46 8.91 33.64 -8.06
CA ILE A 46 10.35 33.89 -7.97
C ILE A 46 10.99 34.23 -9.34
N GLN A 47 10.43 33.69 -10.43
CA GLN A 47 11.05 33.82 -11.75
C GLN A 47 11.21 35.24 -12.24
N PRO A 48 10.11 36.06 -12.29
CA PRO A 48 10.28 37.49 -12.65
C PRO A 48 11.13 38.33 -11.67
N ILE A 49 11.16 37.96 -10.39
CA ILE A 49 12.06 38.62 -9.40
C ILE A 49 13.54 38.38 -9.73
N LEU A 50 13.88 37.13 -10.04
CA LEU A 50 15.23 36.79 -10.49
C LEU A 50 15.61 37.45 -11.81
N LYS A 51 14.71 37.42 -12.79
CA LYS A 51 14.92 38.08 -14.08
C LYS A 51 15.37 39.52 -13.91
N GLU A 52 14.64 40.29 -13.10
CA GLU A 52 15.00 41.72 -12.85
C GLU A 52 16.37 41.90 -12.18
N LYS A 53 16.73 41.00 -11.28
CA LYS A 53 18.06 41.02 -10.66
C LYS A 53 19.17 40.84 -11.70
N PHE A 54 18.99 39.90 -12.63
CA PHE A 54 20.01 39.65 -13.67
C PHE A 54 20.12 40.78 -14.69
N ILE A 55 18.97 41.31 -15.13
CA ILE A 55 18.93 42.47 -16.04
C ILE A 55 19.57 43.70 -15.39
N ALA A 56 19.18 44.01 -14.15
CA ALA A 56 19.77 45.13 -13.38
C ALA A 56 21.30 45.05 -13.22
N LEU A 57 21.86 43.83 -13.21
CA LEU A 57 23.32 43.60 -13.18
C LEU A 57 24.01 43.69 -14.58
N GLY A 58 23.24 43.99 -15.65
CA GLY A 58 23.76 44.33 -16.99
C GLY A 58 23.70 43.19 -18.02
N LEU A 59 22.86 42.17 -17.78
CA LEU A 59 22.81 40.97 -18.63
C LEU A 59 21.61 41.07 -19.59
N ASP A 60 21.77 40.50 -20.79
CA ASP A 60 20.64 40.32 -21.72
CA ASP A 60 20.67 40.31 -21.74
C ASP A 60 19.95 39.01 -21.34
N VAL A 61 18.70 39.10 -20.88
CA VAL A 61 17.96 37.92 -20.38
C VAL A 61 16.93 37.48 -21.40
N LYS A 62 17.01 36.20 -21.81
CA LYS A 62 16.00 35.59 -22.67
C LYS A 62 15.33 34.46 -21.90
N GLU A 63 14.05 34.22 -22.26
CA GLU A 63 13.22 33.18 -21.68
C GLU A 63 12.89 32.20 -22.79
N ASP A 64 12.80 30.91 -22.44
CA ASP A 64 12.29 29.89 -23.37
C ASP A 64 10.75 29.75 -23.17
N GLU A 65 10.18 28.58 -23.47
CA GLU A 65 8.75 28.33 -23.31
C GLU A 65 8.46 27.10 -22.43
N ALA A 66 9.28 26.93 -21.39
CA ALA A 66 9.11 25.82 -20.42
C ALA A 66 7.78 25.91 -19.64
N ALA A 67 7.28 27.12 -19.38
CA ALA A 67 6.00 27.31 -18.67
C ALA A 67 4.78 26.59 -19.28
N LYS A 68 4.82 26.33 -20.59
CA LYS A 68 3.79 25.51 -21.28
C LYS A 68 3.66 24.06 -20.76
N HIS A 69 4.75 23.51 -20.23
CA HIS A 69 4.73 22.20 -19.63
C HIS A 69 3.84 22.26 -18.37
N PRO A 70 2.87 21.32 -18.24
CA PRO A 70 1.89 21.46 -17.17
C PRO A 70 2.40 21.21 -15.75
N LYS A 71 3.57 20.59 -15.59
CA LYS A 71 4.29 20.50 -14.29
C LYS A 71 5.29 21.67 -13.98
N LEU A 72 5.33 22.72 -14.82
CA LEU A 72 6.28 23.85 -14.64
C LEU A 72 5.50 25.19 -14.62
N GLY A 73 5.80 26.03 -13.62
CA GLY A 73 5.07 27.29 -13.40
C GLY A 73 5.73 28.52 -14.01
N ALA A 74 6.88 28.35 -14.68
CA ALA A 74 7.57 29.48 -15.31
C ALA A 74 8.58 28.99 -16.34
N ASN A 75 9.00 29.91 -17.19
CA ASN A 75 10.05 29.65 -18.20
C ASN A 75 11.41 29.61 -17.53
N ASN A 76 12.34 28.89 -18.14
CA ASN A 76 13.76 28.98 -17.78
C ASN A 76 14.27 30.36 -18.22
N LEU A 77 15.31 30.85 -17.55
CA LEU A 77 15.97 32.12 -17.92
C LEU A 77 17.39 31.80 -18.41
N VAL A 78 17.77 32.32 -19.56
CA VAL A 78 19.15 32.28 -20.06
C VAL A 78 19.65 33.74 -20.13
N CYS A 79 20.61 34.09 -19.25
CA CYS A 79 21.07 35.46 -19.07
C CYS A 79 22.51 35.55 -19.52
N THR A 80 22.79 36.40 -20.50
CA THR A 80 24.09 36.42 -21.17
C THR A 80 24.80 37.74 -20.87
N MSE A 81 26.08 37.61 -20.57
CA MSE A 81 26.97 38.68 -20.24
C MSE A 81 28.02 38.67 -21.34
O MSE A 81 28.73 37.69 -21.44
CB MSE A 81 27.60 38.40 -18.87
CG MSE A 81 28.84 39.12 -18.57
SE MSE A 81 29.33 39.09 -16.69
CE MSE A 81 28.74 40.92 -16.32
N ASN A 82 28.11 39.72 -22.16
CA ASN A 82 29.09 39.76 -23.26
C ASN A 82 30.54 39.82 -22.77
N SER A 83 31.45 39.28 -23.58
CA SER A 83 32.89 39.41 -23.34
C SER A 83 33.33 40.87 -23.26
N THR A 84 34.09 41.21 -22.22
CA THR A 84 34.87 42.45 -22.18
C THR A 84 36.38 42.23 -22.49
N ILE A 85 36.74 41.03 -23.00
CA ILE A 85 38.03 40.79 -23.68
C ILE A 85 37.78 40.89 -25.17
N GLU A 89 40.57 36.44 -27.71
CA GLU A 89 39.36 35.67 -27.42
C GLU A 89 39.64 34.57 -26.39
N VAL A 90 38.66 34.33 -25.50
CA VAL A 90 38.76 33.32 -24.44
C VAL A 90 37.50 32.42 -24.46
N PRO A 91 37.56 31.23 -23.79
CA PRO A 91 36.42 30.34 -23.80
C PRO A 91 35.12 30.93 -23.27
N LYS A 92 34.00 30.43 -23.80
CA LYS A 92 32.68 30.89 -23.44
C LYS A 92 32.17 29.93 -22.38
N LEU A 93 31.75 30.50 -21.25
CA LEU A 93 31.37 29.76 -20.05
C LEU A 93 29.88 29.82 -19.87
N TYR A 94 29.31 28.79 -19.25
CA TYR A 94 27.98 28.90 -18.67
C TYR A 94 28.00 28.42 -17.23
N LEU A 95 27.06 28.94 -16.45
CA LEU A 95 26.83 28.52 -15.07
C LEU A 95 25.33 28.29 -14.94
N THR A 96 24.93 27.26 -14.20
CA THR A 96 23.51 26.95 -13.99
C THR A 96 23.17 26.62 -12.53
N SER A 97 22.06 27.19 -12.07
CA SER A 97 21.39 26.79 -10.85
C SER A 97 19.92 26.70 -11.13
N HIS A 98 19.18 26.07 -10.23
CA HIS A 98 17.72 25.94 -10.38
C HIS A 98 16.98 26.78 -9.32
N MSE A 99 15.89 27.41 -9.74
CA MSE A 99 15.15 28.35 -8.89
C MSE A 99 14.09 27.69 -8.01
O MSE A 99 13.56 28.34 -7.09
CB MSE A 99 14.53 29.45 -9.76
CG MSE A 99 13.30 29.08 -10.52
SE MSE A 99 12.78 30.47 -11.68
CE MSE A 99 14.11 30.17 -13.09
N ASP A 100 13.75 26.42 -8.29
CA ASP A 100 12.77 25.66 -7.50
C ASP A 100 13.40 24.91 -6.31
N THR A 101 12.57 24.64 -5.30
CA THR A 101 12.93 23.82 -4.14
C THR A 101 11.94 22.66 -4.01
N VAL A 102 12.30 21.66 -3.19
CA VAL A 102 11.32 20.61 -2.81
C VAL A 102 10.27 21.18 -1.85
N VAL A 103 9.25 20.36 -1.57
CA VAL A 103 8.25 20.60 -0.52
C VAL A 103 8.80 20.05 0.82
N PRO A 104 8.43 20.66 1.99
CA PRO A 104 7.65 21.88 2.24
C PRO A 104 8.55 23.08 2.29
N ALA A 105 8.23 24.10 1.47
CA ALA A 105 9.01 25.35 1.43
C ALA A 105 8.11 26.55 1.15
N ILE A 106 6.97 26.61 1.87
CA ILE A 106 6.11 27.76 1.92
C ILE A 106 6.40 28.47 3.23
N ASN A 107 6.70 29.78 3.15
CA ASN A 107 6.88 30.63 4.32
C ASN A 107 8.15 30.21 5.10
N VAL A 108 9.27 30.10 4.37
CA VAL A 108 10.56 29.75 4.97
C VAL A 108 11.00 30.93 5.85
N LYS A 109 11.41 30.63 7.09
CA LYS A 109 11.83 31.62 8.06
C LYS A 109 13.27 31.31 8.47
N PRO A 110 14.27 31.80 7.70
CA PRO A 110 15.66 31.41 7.97
C PRO A 110 16.22 32.06 9.25
N ILE A 111 17.08 31.33 9.95
CA ILE A 111 17.74 31.82 11.17
C ILE A 111 19.26 31.69 11.00
N VAL A 112 19.98 32.80 11.24
CA VAL A 112 21.43 32.83 11.25
C VAL A 112 21.92 32.69 12.71
N LYS A 113 22.59 31.57 12.99
CA LYS A 113 22.98 31.17 14.34
C LYS A 113 24.48 31.41 14.57
N ASP A 114 24.87 31.54 15.84
CA ASP A 114 26.27 31.84 16.25
C ASP A 114 27.27 30.74 15.95
N ASP A 115 26.77 29.52 15.73
CA ASP A 115 27.60 28.38 15.26
C ASP A 115 28.07 28.43 13.79
N GLY A 116 27.71 29.48 13.04
CA GLY A 116 28.18 29.67 11.64
C GLY A 116 27.33 28.95 10.60
N TYR A 117 26.08 28.60 10.96
CA TYR A 117 25.12 27.95 10.05
C TYR A 117 23.83 28.78 9.93
N ILE A 118 23.23 28.76 8.73
CA ILE A 118 21.88 29.25 8.48
C ILE A 118 20.95 28.05 8.49
N TYR A 119 19.89 28.13 9.30
CA TYR A 119 18.85 27.09 9.39
C TYR A 119 17.51 27.65 8.98
N SER A 120 16.56 26.75 8.73
CA SER A 120 15.12 27.09 8.76
C SER A 120 14.64 27.20 10.21
N ASP A 121 13.36 27.48 10.43
CA ASP A 121 12.78 27.34 11.78
C ASP A 121 12.37 25.88 12.12
N GLY A 122 12.66 24.90 11.24
CA GLY A 122 12.29 23.52 11.48
C GLY A 122 10.92 23.06 10.97
N THR A 123 10.09 24.00 10.48
CA THR A 123 8.78 23.68 9.87
C THR A 123 8.84 23.53 8.33
N THR A 124 9.90 24.08 7.71
CA THR A 124 10.14 23.99 6.28
C THR A 124 11.58 23.57 6.06
N ILE A 125 11.90 23.32 4.81
CA ILE A 125 13.28 23.26 4.34
C ILE A 125 13.87 24.69 4.37
N LEU A 126 15.16 24.83 4.10
CA LEU A 126 15.81 26.15 3.94
C LEU A 126 15.72 26.59 2.48
N GLY A 127 15.94 25.68 1.57
CA GLY A 127 16.16 26.03 0.18
C GLY A 127 17.54 26.56 -0.13
N ALA A 128 18.55 26.21 0.69
CA ALA A 128 19.97 26.34 0.28
C ALA A 128 20.21 25.60 -1.02
N ASP A 129 19.62 24.43 -1.13
CA ASP A 129 19.44 23.75 -2.38
C ASP A 129 18.22 24.36 -3.13
N ASP A 130 18.42 25.25 -4.12
CA ASP A 130 19.71 25.63 -4.74
C ASP A 130 19.93 27.15 -4.75
N LYS A 131 19.30 27.85 -3.80
CA LYS A 131 19.38 29.29 -3.76
C LYS A 131 20.76 29.83 -3.27
N ALA A 132 21.57 28.96 -2.63
CA ALA A 132 23.01 29.23 -2.38
C ALA A 132 23.73 29.45 -3.70
N GLY A 133 23.45 28.58 -4.66
CA GLY A 133 23.96 28.74 -6.02
C GLY A 133 23.53 30.03 -6.69
N LEU A 134 22.26 30.37 -6.59
CA LEU A 134 21.74 31.62 -7.15
C LEU A 134 22.36 32.84 -6.49
N ALA A 135 22.50 32.79 -5.16
CA ALA A 135 23.04 33.90 -4.40
C ALA A 135 24.51 34.14 -4.79
N ALA A 136 25.28 33.05 -4.82
CA ALA A 136 26.66 33.04 -5.32
C ALA A 136 26.80 33.70 -6.70
N MSE A 137 25.93 33.29 -7.62
CA MSE A 137 25.90 33.92 -8.96
C MSE A 137 25.65 35.44 -8.91
O MSE A 137 26.39 36.22 -9.54
CB MSE A 137 24.81 33.30 -9.82
CG MSE A 137 25.05 31.89 -10.32
SE MSE A 137 23.41 31.28 -11.14
CE MSE A 137 24.10 29.61 -11.64
N LEU A 138 24.63 35.86 -8.17
CA LEU A 138 24.24 37.28 -8.13
C LEU A 138 25.33 38.16 -7.52
N GLU A 139 25.92 37.69 -6.41
CA GLU A 139 27.03 38.37 -5.76
C GLU A 139 28.23 38.49 -6.70
N VAL A 140 28.62 37.40 -7.34
CA VAL A 140 29.75 37.43 -8.29
C VAL A 140 29.54 38.46 -9.41
N LEU A 141 28.32 38.50 -9.97
CA LEU A 141 27.98 39.49 -11.01
C LEU A 141 28.13 40.91 -10.49
N GLN A 142 27.67 41.14 -9.25
CA GLN A 142 27.77 42.46 -8.63
CA GLN A 142 27.77 42.45 -8.60
C GLN A 142 29.23 42.86 -8.35
N VAL A 143 30.09 41.91 -7.96
CA VAL A 143 31.55 42.16 -7.79
C VAL A 143 32.24 42.48 -9.14
N ILE A 144 31.89 41.72 -10.17
CA ILE A 144 32.41 41.97 -11.53
C ILE A 144 32.03 43.38 -12.05
N LYS A 145 30.76 43.73 -11.89
CA LYS A 145 30.26 45.06 -12.24
C LYS A 145 31.00 46.18 -11.49
N GLU A 146 31.02 46.10 -10.16
CA GLU A 146 31.51 47.21 -9.35
C GLU A 146 33.04 47.36 -9.32
N GLN A 147 33.77 46.26 -9.59
CA GLN A 147 35.24 46.28 -9.71
C GLN A 147 35.79 46.27 -11.15
N GLN A 148 34.91 46.15 -12.16
CA GLN A 148 35.29 46.18 -13.58
C GLN A 148 36.28 45.07 -13.95
N ILE A 149 36.00 43.86 -13.44
CA ILE A 149 36.91 42.72 -13.62
C ILE A 149 36.71 42.24 -15.07
N PRO A 150 37.80 42.15 -15.87
CA PRO A 150 37.58 41.64 -17.25
C PRO A 150 37.14 40.16 -17.28
N HIS A 151 36.32 39.79 -18.25
CA HIS A 151 35.83 38.42 -18.37
C HIS A 151 35.47 38.13 -19.83
N GLY A 152 35.43 36.84 -20.16
CA GLY A 152 34.82 36.36 -21.39
C GLY A 152 33.29 36.37 -21.30
N GLN A 153 32.67 35.76 -22.30
CA GLN A 153 31.22 35.60 -22.32
C GLN A 153 30.88 34.62 -21.24
N ILE A 154 29.83 34.93 -20.47
CA ILE A 154 29.30 34.05 -19.42
C ILE A 154 27.78 34.01 -19.58
N GLN A 155 27.21 32.81 -19.63
CA GLN A 155 25.74 32.63 -19.55
C GLN A 155 25.33 32.08 -18.18
N PHE A 156 24.24 32.64 -17.63
CA PHE A 156 23.66 32.20 -16.37
C PHE A 156 22.32 31.58 -16.70
N VAL A 157 22.23 30.27 -16.52
CA VAL A 157 21.07 29.48 -16.95
C VAL A 157 20.29 29.10 -15.68
N ILE A 158 19.09 29.68 -15.53
CA ILE A 158 18.29 29.48 -14.31
C ILE A 158 17.08 28.62 -14.67
N THR A 159 17.06 27.39 -14.14
CA THR A 159 16.07 26.41 -14.54
C THR A 159 14.93 26.32 -13.54
N VAL A 160 13.84 25.76 -14.03
CA VAL A 160 12.63 25.48 -13.24
C VAL A 160 12.51 23.97 -13.20
N GLY A 161 11.73 23.47 -12.25
CA GLY A 161 11.42 22.06 -12.18
C GLY A 161 12.55 21.07 -12.03
N GLU A 162 13.73 21.49 -11.56
CA GLU A 162 14.83 20.56 -11.34
C GLU A 162 14.44 19.46 -10.37
N GLU A 163 13.68 19.83 -9.34
CA GLU A 163 13.22 18.92 -8.30
C GLU A 163 12.02 18.05 -8.69
N SER A 164 11.44 18.27 -9.87
CA SER A 164 10.44 17.38 -10.46
C SER A 164 11.05 16.39 -11.51
N GLY A 165 12.37 16.22 -11.51
CA GLY A 165 13.05 15.32 -12.46
C GLY A 165 13.69 16.04 -13.63
N LEU A 166 14.40 17.14 -13.33
CA LEU A 166 15.18 17.91 -14.33
C LEU A 166 14.33 18.41 -15.51
N ILE A 167 13.04 18.70 -15.23
CA ILE A 167 12.04 18.90 -16.27
C ILE A 167 12.26 20.22 -17.04
N GLY A 168 12.65 21.27 -16.32
CA GLY A 168 13.01 22.54 -16.99
C GLY A 168 14.23 22.42 -17.88
N ALA A 169 15.29 21.78 -17.37
CA ALA A 169 16.45 21.42 -18.23
C ALA A 169 16.05 20.62 -19.51
N LYS A 170 15.09 19.70 -19.35
CA LYS A 170 14.55 18.90 -20.49
C LYS A 170 13.72 19.70 -21.48
N GLU A 171 13.11 20.78 -21.01
CA GLU A 171 12.34 21.71 -21.89
C GLU A 171 13.17 22.90 -22.38
N LEU A 172 14.43 22.99 -21.94
CA LEU A 172 15.32 24.08 -22.31
C LEU A 172 15.53 24.18 -23.84
N ASN A 173 15.29 25.37 -24.39
CA ASN A 173 15.67 25.67 -25.76
C ASN A 173 17.20 25.76 -25.85
N SER A 174 17.82 24.71 -26.39
CA SER A 174 19.29 24.64 -26.47
C SER A 174 19.91 25.64 -27.45
N GLU A 175 19.12 26.21 -28.36
CA GLU A 175 19.61 27.26 -29.25
C GLU A 175 19.85 28.62 -28.58
N LEU A 176 19.29 28.81 -27.38
CA LEU A 176 19.66 29.93 -26.53
C LEU A 176 21.07 29.81 -25.91
N LEU A 177 21.62 28.58 -25.86
CA LEU A 177 22.92 28.33 -25.23
C LEU A 177 24.06 28.61 -26.19
N ASP A 178 25.16 29.15 -25.64
CA ASP A 178 26.36 29.46 -26.41
C ASP A 178 27.53 29.43 -25.42
N ALA A 179 28.07 28.23 -25.22
CA ALA A 179 29.17 28.01 -24.27
C ALA A 179 30.04 26.84 -24.75
N ASP A 180 31.34 26.94 -24.48
CA ASP A 180 32.31 25.84 -24.68
C ASP A 180 32.27 24.79 -23.57
N PHE A 181 32.02 25.22 -22.34
CA PHE A 181 31.85 24.32 -21.18
C PHE A 181 31.21 25.07 -20.03
N GLY A 182 30.85 24.35 -18.97
CA GLY A 182 30.37 25.01 -17.78
C GLY A 182 30.06 24.19 -16.58
N TYR A 183 29.35 24.82 -15.64
CA TYR A 183 29.27 24.33 -14.28
C TYR A 183 27.85 24.42 -13.76
N ALA A 184 27.33 23.30 -13.28
CA ALA A 184 26.10 23.30 -12.47
C ALA A 184 26.50 23.51 -11.01
N ILE A 185 26.03 24.60 -10.41
CA ILE A 185 26.38 24.97 -9.03
C ILE A 185 25.34 24.29 -8.13
N ASP A 186 25.45 22.97 -8.00
CA ASP A 186 24.36 22.15 -7.45
C ASP A 186 24.76 20.68 -7.07
N ALA A 187 25.93 20.49 -6.47
CA ALA A 187 26.38 19.16 -5.97
C ALA A 187 26.33 19.10 -4.45
N SER A 188 25.86 17.96 -3.90
CA SER A 188 25.98 17.66 -2.45
C SER A 188 27.40 17.19 -2.16
N ALA A 189 28.29 18.15 -2.02
CA ALA A 189 29.69 17.89 -1.77
C ALA A 189 30.28 19.18 -1.21
N ASP A 190 31.42 19.05 -0.54
CA ASP A 190 32.11 20.20 0.02
C ASP A 190 32.47 21.20 -1.10
N VAL A 191 32.47 22.49 -0.77
CA VAL A 191 32.96 23.51 -1.72
C VAL A 191 34.45 23.23 -2.07
N GLY A 192 34.76 23.20 -3.38
CA GLY A 192 36.08 22.85 -3.89
C GLY A 192 36.19 21.38 -4.29
N THR A 193 35.11 20.61 -4.10
CA THR A 193 34.95 19.28 -4.71
C THR A 193 34.08 19.39 -5.95
N THR A 194 34.48 18.69 -7.02
CA THR A 194 33.81 18.76 -8.34
C THR A 194 33.32 17.36 -8.69
N VAL A 195 32.02 17.24 -8.99
CA VAL A 195 31.48 16.03 -9.56
C VAL A 195 31.80 16.00 -11.06
N VAL A 196 32.57 14.99 -11.50
CA VAL A 196 32.99 14.82 -12.94
C VAL A 196 32.21 13.72 -13.67
N GLY A 197 31.33 13.03 -12.95
CA GLY A 197 30.51 12.03 -13.56
C GLY A 197 29.31 11.75 -12.70
N ALA A 198 28.25 11.28 -13.34
CA ALA A 198 26.97 10.98 -12.67
C ALA A 198 26.34 9.81 -13.43
N PRO A 199 25.51 8.98 -12.76
CA PRO A 199 24.98 7.76 -13.39
C PRO A 199 23.76 8.00 -14.28
N THR A 200 23.44 7.00 -15.10
CA THR A 200 22.09 6.83 -15.69
C THR A 200 21.12 6.32 -14.61
N GLN A 201 19.98 6.98 -14.43
CA GLN A 201 18.90 6.43 -13.59
C GLN A 201 17.75 6.03 -14.49
N MSE A 202 17.19 4.85 -14.22
CA MSE A 202 15.93 4.41 -14.81
C MSE A 202 14.92 4.06 -13.74
O MSE A 202 15.28 3.55 -12.68
CB MSE A 202 16.19 3.21 -15.72
CG MSE A 202 17.10 3.54 -16.87
SE MSE A 202 17.02 2.29 -18.27
CE MSE A 202 18.43 2.98 -19.45
N LEU A 203 13.65 4.36 -14.00
CA LEU A 203 12.50 3.91 -13.19
C LEU A 203 12.02 2.61 -13.81
N ILE A 204 11.72 1.60 -12.97
CA ILE A 204 11.08 0.37 -13.42
CA ILE A 204 11.12 0.34 -13.40
C ILE A 204 9.88 0.13 -12.52
N SER A 205 8.71 -0.03 -13.14
CA SER A 205 7.50 -0.37 -12.41
C SER A 205 6.92 -1.68 -12.94
N ALA A 206 6.34 -2.46 -12.04
CA ALA A 206 5.77 -3.76 -12.36
C ALA A 206 4.36 -3.90 -11.73
N LYS A 207 3.36 -4.19 -12.57
CA LYS A 207 2.04 -4.63 -12.10
C LYS A 207 1.99 -6.15 -12.22
N ILE A 208 1.89 -6.83 -11.08
CA ILE A 208 1.86 -8.29 -11.02
C ILE A 208 0.40 -8.69 -10.80
N ILE A 209 -0.15 -9.47 -11.72
CA ILE A 209 -1.53 -9.98 -11.61
C ILE A 209 -1.52 -11.49 -11.30
N GLY A 210 -2.35 -11.89 -10.34
CA GLY A 210 -2.62 -13.30 -10.06
C GLY A 210 -4.07 -13.58 -10.31
N LYS A 211 -4.67 -14.39 -9.44
CA LYS A 211 -6.06 -14.86 -9.59
C LYS A 211 -6.68 -14.93 -8.19
N THR A 212 -7.84 -14.28 -8.00
CA THR A 212 -8.56 -14.25 -6.70
CA THR A 212 -8.50 -14.24 -6.70
C THR A 212 -9.14 -15.60 -6.33
N ALA A 213 -9.25 -15.86 -5.04
CA ALA A 213 -9.88 -17.03 -4.51
C ALA A 213 -10.00 -16.80 -3.02
N HIS A 214 -10.83 -17.59 -2.38
CA HIS A 214 -10.94 -17.54 -0.92
C HIS A 214 -9.66 -18.17 -0.31
N ALA A 215 -9.19 -17.61 0.81
CA ALA A 215 -7.93 -18.05 1.42
C ALA A 215 -8.00 -19.49 1.98
N SER A 216 -9.20 -19.98 2.30
CA SER A 216 -9.41 -21.39 2.66
C SER A 216 -9.21 -22.39 1.51
N THR A 217 -9.26 -21.92 0.25
CA THR A 217 -9.06 -22.77 -0.94
C THR A 217 -8.00 -22.13 -1.86
N PRO A 218 -6.76 -21.98 -1.34
CA PRO A 218 -5.72 -21.24 -2.04
C PRO A 218 -5.27 -21.84 -3.40
N LYS A 219 -5.39 -23.16 -3.59
CA LYS A 219 -5.15 -23.79 -4.93
C LYS A 219 -6.06 -23.24 -6.05
N GLU A 220 -7.24 -22.70 -5.72
CA GLU A 220 -8.12 -22.07 -6.73
C GLU A 220 -7.55 -20.72 -7.24
N GLY A 221 -6.58 -20.13 -6.54
CA GLY A 221 -6.02 -18.83 -6.89
C GLY A 221 -4.53 -18.87 -7.12
N VAL A 222 -3.98 -17.69 -7.35
CA VAL A 222 -2.56 -17.44 -7.55
C VAL A 222 -2.29 -16.10 -6.86
N SER A 223 -1.47 -16.10 -5.81
CA SER A 223 -1.21 -14.88 -5.05
C SER A 223 -0.21 -14.00 -5.80
N ALA A 224 -0.60 -12.75 -6.13
CA ALA A 224 0.33 -11.75 -6.66
C ALA A 224 1.36 -11.29 -5.62
N ILE A 225 1.02 -11.34 -4.33
CA ILE A 225 1.99 -11.03 -3.24
C ILE A 225 3.13 -12.06 -3.22
N ASN A 226 2.78 -13.36 -3.22
CA ASN A 226 3.80 -14.44 -3.28
C ASN A 226 4.68 -14.31 -4.52
N ILE A 227 4.09 -14.05 -5.68
CA ILE A 227 4.83 -13.90 -6.94
C ILE A 227 5.84 -12.74 -6.89
N ALA A 228 5.34 -11.57 -6.47
CA ALA A 228 6.11 -10.34 -6.36
C ALA A 228 7.25 -10.47 -5.35
N ALA A 229 6.97 -11.11 -4.20
CA ALA A 229 7.98 -11.44 -3.20
C ALA A 229 9.04 -12.42 -3.71
N LYS A 230 8.59 -13.47 -4.38
CA LYS A 230 9.52 -14.42 -4.97
C LYS A 230 10.40 -13.77 -6.05
N ALA A 231 9.79 -12.92 -6.91
CA ALA A 231 10.56 -12.20 -7.96
C ALA A 231 11.69 -11.36 -7.36
N ILE A 232 11.37 -10.60 -6.31
CA ILE A 232 12.31 -9.77 -5.55
C ILE A 232 13.44 -10.59 -4.91
N SER A 233 13.12 -11.77 -4.37
CA SER A 233 14.15 -12.67 -3.78
CA SER A 233 14.15 -12.64 -3.78
C SER A 233 15.11 -13.25 -4.83
N ARG A 234 14.63 -13.42 -6.07
CA ARG A 234 15.47 -13.90 -7.18
C ARG A 234 16.41 -12.85 -7.78
N MSE A 235 16.20 -11.56 -7.45
CA MSE A 235 16.69 -10.42 -8.21
C MSE A 235 17.97 -9.94 -7.58
O MSE A 235 18.11 -10.02 -6.37
CB MSE A 235 15.62 -9.29 -8.11
CG MSE A 235 15.64 -8.32 -9.19
SE MSE A 235 14.02 -7.28 -9.20
CE MSE A 235 12.84 -8.57 -10.14
N LYS A 236 18.90 -9.45 -8.40
CA LYS A 236 20.07 -8.69 -7.91
C LYS A 236 19.58 -7.28 -7.57
N LEU A 237 19.81 -6.87 -6.34
CA LEU A 237 19.29 -5.60 -5.82
C LEU A 237 20.30 -5.05 -4.84
N GLY A 238 20.10 -3.79 -4.43
CA GLY A 238 21.02 -3.10 -3.52
C GLY A 238 22.26 -2.71 -4.30
N GLN A 239 23.44 -2.98 -3.73
CA GLN A 239 24.70 -2.66 -4.42
C GLN A 239 24.98 -3.81 -5.37
N VAL A 240 24.44 -3.71 -6.58
CA VAL A 240 24.54 -4.78 -7.58
C VAL A 240 26.01 -5.06 -7.96
N ASP A 241 26.76 -4.00 -8.21
CA ASP A 241 28.23 -4.08 -8.31
C ASP A 241 28.82 -2.75 -7.87
N GLU A 242 30.13 -2.56 -8.06
CA GLU A 242 30.83 -1.34 -7.63
C GLU A 242 30.23 -0.03 -8.16
N ILE A 243 29.64 -0.05 -9.36
CA ILE A 243 29.10 1.18 -10.00
C ILE A 243 27.60 1.10 -10.35
N THR A 244 26.87 0.13 -9.77
CA THR A 244 25.48 -0.13 -10.14
C THR A 244 24.61 -0.44 -8.89
N THR A 245 23.46 0.22 -8.80
CA THR A 245 22.52 0.02 -7.69
C THR A 245 21.11 -0.28 -8.21
N ALA A 246 20.29 -0.90 -7.35
CA ALA A 246 18.87 -1.11 -7.64
C ALA A 246 18.05 -1.17 -6.33
N ASN A 247 16.84 -0.60 -6.36
CA ASN A 247 15.99 -0.44 -5.18
C ASN A 247 14.51 -0.70 -5.53
N ILE A 248 13.84 -1.55 -4.74
CA ILE A 248 12.38 -1.65 -4.74
C ILE A 248 11.90 -0.64 -3.69
N GLY A 249 11.37 0.48 -4.18
CA GLY A 249 10.95 1.58 -3.34
C GLY A 249 9.55 1.47 -2.79
N LYS A 250 8.63 0.90 -3.57
CA LYS A 250 7.23 0.74 -3.16
C LYS A 250 6.74 -0.67 -3.52
N PHE A 251 5.91 -1.24 -2.65
CA PHE A 251 5.32 -2.56 -2.87
C PHE A 251 3.96 -2.45 -2.20
N HIS A 252 2.89 -2.54 -2.99
CA HIS A 252 1.53 -2.42 -2.50
C HIS A 252 0.62 -3.43 -3.16
N GLY A 253 -0.08 -4.22 -2.36
CA GLY A 253 -1.10 -5.10 -2.90
C GLY A 253 -1.95 -5.78 -1.85
N GLY A 254 -3.17 -6.13 -2.26
CA GLY A 254 -4.06 -6.95 -1.49
C GLY A 254 -5.01 -6.13 -0.64
N SER A 255 -6.22 -6.67 -0.46
CA SER A 255 -7.33 -5.99 0.21
C SER A 255 -7.80 -6.65 1.52
N ALA A 256 -7.59 -7.96 1.67
CA ALA A 256 -8.14 -8.67 2.83
C ALA A 256 -7.39 -9.96 3.13
N THR A 257 -7.29 -10.29 4.42
CA THR A 257 -6.58 -11.51 4.86
C THR A 257 -7.19 -12.81 4.33
N ASN A 258 -8.51 -12.82 4.16
CA ASN A 258 -9.26 -14.00 3.71
C ASN A 258 -9.42 -14.15 2.18
N ILE A 259 -8.73 -13.32 1.41
CA ILE A 259 -8.75 -13.36 -0.07
C ILE A 259 -7.33 -13.53 -0.59
N VAL A 260 -7.12 -14.47 -1.51
CA VAL A 260 -5.85 -14.58 -2.23
C VAL A 260 -5.69 -13.28 -3.07
N ALA A 261 -4.59 -12.54 -2.84
CA ALA A 261 -4.36 -11.23 -3.46
C ALA A 261 -4.08 -11.38 -4.94
N ASP A 262 -4.87 -10.70 -5.78
CA ASP A 262 -4.70 -10.83 -7.25
C ASP A 262 -3.96 -9.65 -7.94
N GLU A 263 -3.45 -8.69 -7.17
CA GLU A 263 -2.72 -7.56 -7.73
C GLU A 263 -1.72 -6.96 -6.78
N VAL A 264 -0.52 -6.71 -7.32
CA VAL A 264 0.52 -5.98 -6.62
C VAL A 264 1.14 -4.98 -7.58
N ILE A 265 1.34 -3.76 -7.11
CA ILE A 265 2.08 -2.72 -7.85
C ILE A 265 3.40 -2.53 -7.16
N LEU A 266 4.49 -2.69 -7.92
CA LEU A 266 5.86 -2.44 -7.47
CA LEU A 266 5.85 -2.42 -7.44
C LEU A 266 6.36 -1.21 -8.18
N GLU A 267 7.08 -0.34 -7.45
CA GLU A 267 7.83 0.79 -8.08
C GLU A 267 9.28 0.77 -7.64
N ALA A 268 10.17 0.71 -8.62
CA ALA A 268 11.59 0.47 -8.41
C ALA A 268 12.43 1.45 -9.21
N GLU A 269 13.73 1.46 -8.93
CA GLU A 269 14.72 2.16 -9.77
C GLU A 269 16.00 1.39 -9.91
N ALA A 270 16.83 1.83 -10.87
CA ALA A 270 18.17 1.32 -11.01
C ALA A 270 19.08 2.46 -11.44
N ARG A 271 20.36 2.39 -11.03
CA ARG A 271 21.38 3.39 -11.42
C ARG A 271 22.65 2.69 -11.81
N SER A 272 23.35 3.22 -12.82
CA SER A 272 24.74 2.81 -13.09
C SER A 272 25.56 3.88 -13.75
N HIS A 273 26.87 3.83 -13.51
CA HIS A 273 27.85 4.69 -14.19
CA HIS A 273 27.82 4.70 -14.21
C HIS A 273 28.27 4.13 -15.55
N ASP A 274 27.79 2.93 -15.88
CA ASP A 274 28.05 2.29 -17.18
C ASP A 274 26.65 2.20 -17.87
N PRO A 275 26.49 2.87 -19.04
CA PRO A 275 25.17 2.80 -19.71
C PRO A 275 24.72 1.40 -20.17
N GLU A 276 25.66 0.47 -20.34
CA GLU A 276 25.29 -0.92 -20.63
C GLU A 276 24.93 -1.74 -19.42
N ARG A 277 25.65 -1.55 -18.31
CA ARG A 277 25.27 -2.22 -17.05
C ARG A 277 23.90 -1.80 -16.53
N ILE A 278 23.52 -0.50 -16.67
CA ILE A 278 22.12 -0.09 -16.32
C ILE A 278 21.08 -0.85 -17.16
N LYS A 279 21.34 -0.99 -18.48
CA LYS A 279 20.47 -1.79 -19.39
C LYS A 279 20.39 -3.28 -18.99
N THR A 280 21.55 -3.88 -18.71
CA THR A 280 21.63 -5.28 -18.24
C THR A 280 20.84 -5.50 -16.97
N GLN A 281 20.98 -4.59 -16.01
CA GLN A 281 20.26 -4.64 -14.74
C GLN A 281 18.74 -4.52 -14.94
N VAL A 282 18.32 -3.55 -15.75
CA VAL A 282 16.89 -3.34 -16.02
C VAL A 282 16.27 -4.50 -16.83
N LYS A 283 17.05 -5.05 -17.76
CA LYS A 283 16.62 -6.26 -18.47
C LYS A 283 16.49 -7.42 -17.49
N HIS A 284 17.50 -7.58 -16.63
CA HIS A 284 17.48 -8.61 -15.57
C HIS A 284 16.23 -8.55 -14.68
N MSE A 285 15.89 -7.34 -14.22
CA MSE A 285 14.71 -7.12 -13.35
C MSE A 285 13.40 -7.42 -14.10
O MSE A 285 12.55 -8.16 -13.63
CB MSE A 285 14.69 -5.68 -12.83
CG MSE A 285 15.84 -5.33 -11.89
SE MSE A 285 16.06 -3.41 -11.62
CE MSE A 285 14.73 -3.23 -10.25
N THR A 286 13.28 -6.85 -15.30
CA THR A 286 12.17 -7.17 -16.23
C THR A 286 12.00 -8.68 -16.46
N ASP A 287 13.07 -9.33 -16.87
CA ASP A 287 13.02 -10.79 -17.12
C ASP A 287 12.63 -11.61 -15.89
N VAL A 288 13.15 -11.24 -14.72
CA VAL A 288 12.83 -11.97 -13.48
C VAL A 288 11.34 -11.80 -13.08
N PHE A 289 10.81 -10.57 -13.18
CA PHE A 289 9.38 -10.34 -12.96
C PHE A 289 8.48 -11.17 -13.91
N GLU A 290 8.78 -11.07 -15.21
CA GLU A 290 7.98 -11.74 -16.25
C GLU A 290 8.02 -13.26 -16.14
N THR A 291 9.22 -13.83 -16.01
CA THR A 291 9.39 -15.29 -15.92
C THR A 291 8.87 -15.86 -14.61
N THR A 292 9.05 -15.13 -13.48
CA THR A 292 8.51 -15.58 -12.18
C THR A 292 6.97 -15.59 -12.15
N ALA A 293 6.37 -14.50 -12.64
CA ALA A 293 4.92 -14.41 -12.79
C ALA A 293 4.35 -15.54 -13.64
N SER A 294 4.96 -15.75 -14.79
CA SER A 294 4.49 -16.77 -15.73
C SER A 294 4.63 -18.20 -15.17
N GLU A 295 5.79 -18.50 -14.58
CA GLU A 295 6.06 -19.81 -13.90
C GLU A 295 4.99 -20.18 -12.88
N LEU A 296 4.56 -19.20 -12.09
CA LEU A 296 3.62 -19.39 -10.98
C LEU A 296 2.14 -19.20 -11.37
N GLY A 297 1.88 -18.89 -12.64
CA GLY A 297 0.50 -18.80 -13.17
C GLY A 297 -0.13 -17.40 -13.17
N GLY A 298 0.67 -16.37 -12.94
CA GLY A 298 0.26 -15.00 -13.08
C GLY A 298 0.86 -14.33 -14.30
N LYS A 299 0.87 -13.01 -14.29
CA LYS A 299 1.60 -12.24 -15.28
C LYS A 299 2.14 -10.95 -14.70
N ALA A 300 3.13 -10.40 -15.39
CA ALA A 300 3.84 -9.22 -14.99
C ALA A 300 3.78 -8.25 -16.14
N GLU A 301 3.25 -7.06 -15.90
CA GLU A 301 3.42 -5.93 -16.81
C GLU A 301 4.54 -5.05 -16.23
N VAL A 302 5.61 -4.87 -17.01
CA VAL A 302 6.79 -4.11 -16.59
C VAL A 302 6.94 -2.92 -17.54
N THR A 303 7.03 -1.70 -16.97
CA THR A 303 7.27 -0.46 -17.76
C THR A 303 8.50 0.24 -17.25
N VAL A 304 9.31 0.78 -18.18
CA VAL A 304 10.60 1.42 -17.86
CA VAL A 304 10.57 1.44 -17.85
C VAL A 304 10.58 2.88 -18.35
N GLU A 305 11.31 3.74 -17.65
CA GLU A 305 11.48 5.13 -18.05
C GLU A 305 12.90 5.57 -17.66
N GLN A 306 13.62 6.23 -18.57
CA GLN A 306 14.92 6.83 -18.23
C GLN A 306 14.68 8.17 -17.58
N SER A 307 15.05 8.32 -16.32
CA SER A 307 14.97 9.63 -15.64
C SER A 307 16.02 10.63 -16.18
N TYR A 308 17.26 10.19 -16.30
CA TYR A 308 18.31 11.03 -16.89
C TYR A 308 19.48 10.16 -17.36
N PRO A 309 20.26 10.63 -18.35
CA PRO A 309 21.43 9.86 -18.79
C PRO A 309 22.69 10.21 -17.99
N GLY A 310 23.57 9.21 -17.84
CA GLY A 310 24.85 9.38 -17.18
C GLY A 310 25.88 10.05 -18.06
N PHE A 311 26.94 10.54 -17.41
CA PHE A 311 28.09 11.10 -18.11
C PHE A 311 29.36 10.88 -17.28
N LYS A 312 30.49 11.09 -17.92
CA LYS A 312 31.79 11.08 -17.28
C LYS A 312 32.65 11.99 -18.13
N ILE A 313 33.11 13.10 -17.55
CA ILE A 313 34.02 14.00 -18.23
C ILE A 313 35.46 13.55 -17.91
N ASN A 314 36.26 13.42 -18.96
CA ASN A 314 37.67 13.07 -18.84
C ASN A 314 38.37 14.07 -17.90
N ASP A 315 39.20 13.55 -16.98
CA ASP A 315 39.82 14.38 -15.94
C ASP A 315 40.86 15.40 -16.44
N ASN A 316 41.34 15.25 -17.68
CA ASN A 316 42.25 16.21 -18.32
C ASN A 316 41.56 17.35 -19.10
N GLU A 317 40.23 17.33 -19.16
CA GLU A 317 39.46 18.36 -19.86
C GLU A 317 39.59 19.69 -19.15
N ALA A 318 39.63 20.77 -19.95
CA ALA A 318 39.71 22.16 -19.46
C ALA A 318 38.71 22.46 -18.34
N VAL A 319 37.46 22.03 -18.53
CA VAL A 319 36.40 22.26 -17.55
C VAL A 319 36.70 21.67 -16.15
N VAL A 320 37.35 20.51 -16.11
CA VAL A 320 37.72 19.87 -14.83
C VAL A 320 38.92 20.56 -14.21
N LYS A 321 39.94 20.81 -15.03
CA LYS A 321 41.18 21.46 -14.56
C LYS A 321 40.97 22.88 -14.02
N ILE A 322 40.11 23.65 -14.67
CA ILE A 322 39.74 25.01 -14.19
C ILE A 322 38.99 24.95 -12.84
N ALA A 323 38.09 23.98 -12.65
CA ALA A 323 37.39 23.80 -11.35
C ALA A 323 38.36 23.43 -10.23
N GLN A 324 39.27 22.50 -10.53
CA GLN A 324 40.28 22.10 -9.57
C GLN A 324 41.27 23.25 -9.26
N GLU A 325 41.70 23.99 -10.28
CA GLU A 325 42.60 25.16 -10.08
C GLU A 325 41.96 26.23 -9.18
N SER A 326 40.69 26.57 -9.45
CA SER A 326 39.91 27.53 -8.62
C SER A 326 39.83 27.07 -7.15
N ALA A 327 39.63 25.77 -6.95
CA ALA A 327 39.60 25.17 -5.63
C ALA A 327 40.98 25.27 -4.92
N ARG A 328 42.06 24.91 -5.61
CA ARG A 328 43.43 25.04 -5.06
C ARG A 328 43.82 26.47 -4.74
N ASN A 329 43.48 27.40 -5.62
CA ASN A 329 43.71 28.85 -5.35
C ASN A 329 43.03 29.37 -4.07
N LEU A 330 41.86 28.84 -3.75
CA LEU A 330 41.16 29.14 -2.49
C LEU A 330 41.47 28.20 -1.32
N GLY A 331 42.48 27.35 -1.46
CA GLY A 331 42.94 26.48 -0.37
C GLY A 331 42.00 25.33 -0.01
N LEU A 332 41.29 24.83 -1.02
CA LEU A 332 40.26 23.79 -0.83
C LEU A 332 40.79 22.50 -1.45
N SER A 333 40.13 21.39 -1.17
CA SER A 333 40.66 20.05 -1.51
C SER A 333 40.99 19.81 -3.01
N ALA A 334 40.22 20.42 -3.91
CA ALA A 334 40.37 20.20 -5.37
C ALA A 334 40.16 18.74 -5.83
N ASN A 335 39.35 18.00 -5.08
CA ASN A 335 38.98 16.61 -5.38
CA ASN A 335 39.09 16.61 -5.48
C ASN A 335 37.97 16.54 -6.54
N THR A 336 37.96 15.44 -7.25
CA THR A 336 37.01 15.14 -8.27
C THR A 336 36.34 13.85 -7.84
N ILE A 337 35.00 13.82 -7.87
CA ILE A 337 34.25 12.64 -7.45
C ILE A 337 33.23 12.23 -8.52
N ILE A 338 32.59 11.11 -8.25
CA ILE A 338 31.46 10.63 -9.01
C ILE A 338 30.25 10.74 -8.07
N SER A 339 29.13 11.28 -8.57
CA SER A 339 27.91 11.49 -7.78
CA SER A 339 27.91 11.49 -7.79
C SER A 339 27.03 10.25 -7.83
N GLY A 340 26.08 10.18 -6.91
CA GLY A 340 25.06 9.13 -6.88
C GLY A 340 23.79 9.44 -7.65
N GLY A 341 23.62 10.70 -8.11
CA GLY A 341 22.40 11.13 -8.74
C GLY A 341 22.59 12.17 -9.83
N GLY A 342 21.48 12.72 -10.28
CA GLY A 342 21.44 13.62 -11.42
C GLY A 342 21.34 15.09 -11.02
N SER A 343 21.43 15.94 -12.03
CA SER A 343 21.29 17.39 -11.87
C SER A 343 21.01 17.91 -13.26
N ASP A 344 20.80 19.22 -13.38
CA ASP A 344 20.63 19.83 -14.71
C ASP A 344 21.83 19.64 -15.63
N GLY A 345 23.02 19.52 -15.02
CA GLY A 345 24.23 19.13 -15.74
C GLY A 345 24.17 17.82 -16.48
N SER A 346 23.38 16.85 -15.98
CA SER A 346 23.15 15.58 -16.67
C SER A 346 22.43 15.78 -17.99
N ILE A 347 21.52 16.76 -18.06
CA ILE A 347 20.80 17.08 -19.28
C ILE A 347 21.66 17.95 -20.20
N ILE A 348 22.35 18.93 -19.64
CA ILE A 348 23.09 19.91 -20.45
C ILE A 348 24.25 19.25 -21.18
N ASN A 349 24.93 18.31 -20.53
CA ASN A 349 25.92 17.43 -21.20
C ASN A 349 25.40 16.77 -22.49
N THR A 350 24.11 16.38 -22.54
CA THR A 350 23.52 15.80 -23.78
C THR A 350 23.41 16.78 -24.97
N PHE A 351 23.49 18.08 -24.69
CA PHE A 351 23.63 19.11 -25.74
C PHE A 351 25.06 19.25 -26.29
N GLY A 352 26.04 18.49 -25.77
CA GLY A 352 27.44 18.58 -26.21
C GLY A 352 28.27 19.67 -25.55
N ILE A 353 27.77 20.27 -24.46
CA ILE A 353 28.53 21.28 -23.70
C ILE A 353 29.08 20.57 -22.44
N PRO A 354 30.41 20.25 -22.40
CA PRO A 354 31.02 19.61 -21.23
C PRO A 354 30.70 20.33 -19.93
N SER A 355 30.03 19.61 -19.02
CA SER A 355 29.54 20.20 -17.78
C SER A 355 29.89 19.32 -16.60
N VAL A 356 30.37 19.94 -15.53
CA VAL A 356 30.66 19.28 -14.25
C VAL A 356 29.91 20.06 -13.17
N ILE A 357 29.80 19.47 -11.98
CA ILE A 357 28.88 19.93 -10.97
C ILE A 357 29.72 20.32 -9.75
N LEU A 358 29.60 21.58 -9.31
CA LEU A 358 30.39 22.11 -8.21
C LEU A 358 29.70 21.82 -6.89
N GLY A 359 30.49 21.40 -5.90
CA GLY A 359 29.99 21.26 -4.54
C GLY A 359 29.51 22.60 -4.00
N VAL A 360 28.28 22.61 -3.46
CA VAL A 360 27.69 23.79 -2.84
C VAL A 360 27.93 23.83 -1.30
N GLY A 361 28.19 22.67 -0.67
CA GLY A 361 28.36 22.60 0.78
C GLY A 361 27.07 22.70 1.61
N TYR A 362 25.91 22.69 0.96
CA TYR A 362 24.62 22.64 1.68
C TYR A 362 24.47 21.26 2.35
N GLU A 363 23.68 21.20 3.41
CA GLU A 363 23.61 19.99 4.24
C GLU A 363 22.18 19.65 4.63
N LYS A 364 21.92 18.34 4.77
CA LYS A 364 20.60 17.80 5.15
CA LYS A 364 20.60 17.80 5.15
C LYS A 364 19.51 18.34 4.22
N ILE A 365 19.81 18.38 2.91
CA ILE A 365 18.90 18.95 1.92
C ILE A 365 17.65 18.06 1.79
N HIS A 366 16.56 18.67 1.39
CA HIS A 366 15.22 18.01 1.28
C HIS A 366 14.62 17.62 2.62
N THR A 367 15.10 18.20 3.72
CA THR A 367 14.54 17.95 5.03
C THR A 367 14.40 19.27 5.73
N THR A 368 13.56 19.28 6.76
CA THR A 368 13.36 20.46 7.57
C THR A 368 14.56 20.82 8.49
N ASN A 369 15.59 19.96 8.55
CA ASN A 369 16.90 20.29 9.20
C ASN A 369 17.94 20.81 8.22
N GLU A 370 17.55 21.16 6.99
CA GLU A 370 18.52 21.66 5.99
C GLU A 370 19.23 22.86 6.54
N ARG A 371 20.54 22.93 6.29
CA ARG A 371 21.31 24.09 6.73
C ARG A 371 22.40 24.44 5.75
N MSE A 372 22.87 25.68 5.85
CA MSE A 372 23.94 26.19 4.96
C MSE A 372 25.04 26.77 5.83
O MSE A 372 24.78 27.71 6.59
CB MSE A 372 23.38 27.27 4.03
CG MSE A 372 24.34 27.74 2.95
SE MSE A 372 24.91 26.38 1.74
CE MSE A 372 26.46 27.22 0.98
N PRO A 373 26.29 26.24 5.72
CA PRO A 373 27.38 26.93 6.41
C PRO A 373 27.70 28.26 5.74
N ILE A 374 27.82 29.32 6.54
CA ILE A 374 28.16 30.66 6.02
C ILE A 374 29.55 30.63 5.36
N LYS A 375 30.50 29.92 5.97
CA LYS A 375 31.86 29.82 5.40
C LYS A 375 31.82 29.17 3.98
N SER A 376 30.96 28.18 3.79
CA SER A 376 30.78 27.55 2.45
C SER A 376 30.16 28.47 1.40
N LEU A 377 29.18 29.28 1.82
CA LEU A 377 28.57 30.26 0.95
C LEU A 377 29.61 31.28 0.47
N ASN A 378 30.41 31.78 1.40
CA ASN A 378 31.53 32.71 1.08
C ASN A 378 32.53 32.08 0.12
N LEU A 379 32.99 30.87 0.42
CA LEU A 379 33.93 30.14 -0.46
C LEU A 379 33.38 29.85 -1.85
N LEU A 380 32.08 29.52 -1.95
CA LEU A 380 31.44 29.20 -3.25
C LEU A 380 31.39 30.41 -4.16
N ALA A 381 30.91 31.54 -3.64
CA ALA A 381 30.95 32.83 -4.35
C ALA A 381 32.37 33.21 -4.77
N SER A 382 33.34 33.03 -3.87
CA SER A 382 34.76 33.26 -4.21
C SER A 382 35.26 32.29 -5.30
N GLN A 383 34.78 31.03 -5.26
CA GLN A 383 35.17 30.03 -6.26
C GLN A 383 34.59 30.34 -7.64
N VAL A 384 33.30 30.63 -7.72
CA VAL A 384 32.69 31.03 -8.99
C VAL A 384 33.42 32.26 -9.61
N LEU A 385 33.77 33.25 -8.76
CA LEU A 385 34.55 34.39 -9.22
C LEU A 385 35.94 33.97 -9.77
N GLU A 386 36.60 33.06 -9.06
CA GLU A 386 37.93 32.59 -9.44
C GLU A 386 37.89 31.83 -10.77
N ILE A 387 36.85 31.01 -10.96
CA ILE A 387 36.64 30.27 -12.23
C ILE A 387 36.47 31.22 -13.43
N ILE A 388 35.68 32.27 -13.26
CA ILE A 388 35.53 33.32 -14.28
C ILE A 388 36.88 34.00 -14.62
N LYS A 389 37.69 34.28 -13.57
CA LYS A 389 39.03 34.89 -13.75
C LYS A 389 40.00 33.95 -14.47
N ILE A 390 39.97 32.66 -14.11
CA ILE A 390 40.86 31.65 -14.72
C ILE A 390 40.52 31.44 -16.21
N VAL A 391 39.23 31.32 -16.51
CA VAL A 391 38.73 31.28 -17.90
C VAL A 391 39.17 32.53 -18.70
N ALA A 392 39.12 33.70 -18.05
CA ALA A 392 39.51 34.97 -18.69
C ALA A 392 41.01 35.07 -19.06
N ARG A 393 41.88 34.31 -18.37
CA ARG A 393 43.33 34.25 -18.70
C ARG A 393 43.70 33.32 -19.87
N GLN A 394 42.84 32.36 -20.23
CA GLN A 394 43.21 31.28 -21.18
C GLN A 394 43.46 31.78 -22.61
N GLY B 19 -47.85 -30.46 0.31
CA GLY B 19 -46.85 -30.92 1.32
C GLY B 19 -47.14 -30.26 2.64
N MSE B 20 -46.07 -30.10 3.45
CA MSE B 20 -46.17 -29.50 4.81
C MSE B 20 -46.00 -27.97 4.81
O MSE B 20 -46.89 -27.23 5.23
CB MSE B 20 -45.13 -30.12 5.76
CG MSE B 20 -45.47 -31.52 6.26
SE MSE B 20 -46.83 -31.50 7.69
CE MSE B 20 -48.43 -31.86 6.57
N ILE B 21 -44.83 -27.51 4.32
CA ILE B 21 -44.51 -26.07 4.31
C ILE B 21 -45.30 -25.32 3.22
N ASN B 22 -45.63 -24.07 3.49
CA ASN B 22 -46.36 -23.19 2.56
C ASN B 22 -45.32 -22.44 1.75
N GLU B 23 -45.17 -22.84 0.49
CA GLU B 23 -44.09 -22.30 -0.36
C GLU B 23 -44.27 -20.81 -0.65
N GLN B 24 -45.50 -20.44 -1.00
CA GLN B 24 -45.86 -19.04 -1.29
C GLN B 24 -45.58 -18.11 -0.09
N ARG B 25 -45.97 -18.56 1.10
CA ARG B 25 -45.69 -17.81 2.35
C ARG B 25 -44.19 -17.69 2.69
N LEU B 26 -43.47 -18.80 2.58
CA LEU B 26 -42.02 -18.83 2.79
C LEU B 26 -41.28 -17.83 1.88
N LEU B 27 -41.61 -17.84 0.59
CA LEU B 27 -41.06 -16.89 -0.38
C LEU B 27 -41.38 -15.45 0.01
N ASN B 28 -42.64 -15.16 0.36
CA ASN B 28 -43.01 -13.79 0.82
C ASN B 28 -42.26 -13.34 2.06
N THR B 29 -42.08 -14.25 3.03
CA THR B 29 -41.31 -13.98 4.25
C THR B 29 -39.85 -13.63 3.90
N PHE B 30 -39.24 -14.47 3.06
CA PHE B 30 -37.87 -14.25 2.62
C PHE B 30 -37.72 -12.89 1.93
N LEU B 31 -38.65 -12.58 1.02
CA LEU B 31 -38.61 -11.32 0.27
C LEU B 31 -38.78 -10.08 1.18
N GLU B 32 -39.71 -10.18 2.13
CA GLU B 32 -39.84 -9.17 3.20
C GLU B 32 -38.54 -8.97 4.00
N LEU B 33 -37.91 -10.07 4.41
CA LEU B 33 -36.75 -10.01 5.30
C LEU B 33 -35.53 -9.36 4.63
N VAL B 34 -35.24 -9.71 3.38
CA VAL B 34 -34.12 -9.08 2.63
C VAL B 34 -34.32 -7.56 2.40
N GLN B 35 -35.58 -7.12 2.35
CA GLN B 35 -35.94 -5.69 2.28
C GLN B 35 -35.88 -4.93 3.61
N ILE B 36 -35.44 -5.58 4.71
CA ILE B 36 -35.12 -4.88 5.95
C ILE B 36 -33.59 -4.73 6.01
N ASP B 37 -33.13 -3.47 6.00
CA ASP B 37 -31.70 -3.14 6.00
C ASP B 37 -31.07 -3.62 7.28
N SER B 38 -30.03 -4.46 7.18
CA SER B 38 -29.34 -4.98 8.38
C SER B 38 -27.87 -5.24 8.11
N GLU B 39 -27.18 -4.26 7.53
CA GLU B 39 -25.73 -4.34 7.34
C GLU B 39 -25.06 -4.51 8.70
N THR B 40 -24.00 -5.30 8.73
CA THR B 40 -23.36 -5.73 9.97
C THR B 40 -22.87 -4.55 10.83
N GLY B 41 -23.09 -4.67 12.14
CA GLY B 41 -22.98 -3.54 13.05
C GLY B 41 -24.14 -2.55 13.14
N ASN B 42 -25.12 -2.65 12.23
CA ASN B 42 -26.27 -1.74 12.15
C ASN B 42 -27.57 -2.55 12.19
N GLU B 43 -27.70 -3.39 13.21
CA GLU B 43 -28.80 -4.32 13.31
C GLU B 43 -30.05 -3.77 14.05
N SER B 44 -30.05 -2.50 14.47
CA SER B 44 -31.12 -1.96 15.34
C SER B 44 -32.51 -1.82 14.69
N THR B 45 -32.58 -1.84 13.35
CA THR B 45 -33.86 -1.84 12.63
C THR B 45 -34.45 -3.24 12.56
N ILE B 46 -33.67 -4.21 12.10
CA ILE B 46 -34.18 -5.58 11.94
C ILE B 46 -34.52 -6.28 13.28
N GLN B 47 -33.79 -5.94 14.35
CA GLN B 47 -33.85 -6.72 15.61
C GLN B 47 -35.21 -6.61 16.37
N PRO B 48 -35.77 -5.38 16.53
CA PRO B 48 -37.12 -5.28 17.10
C PRO B 48 -38.22 -5.94 16.25
N ILE B 49 -38.08 -5.89 14.93
CA ILE B 49 -39.02 -6.55 14.02
C ILE B 49 -38.97 -8.09 14.19
N LEU B 50 -37.76 -8.66 14.25
CA LEU B 50 -37.61 -10.12 14.50
C LEU B 50 -38.10 -10.52 15.88
N LYS B 51 -37.75 -9.74 16.90
CA LYS B 51 -38.27 -9.97 18.24
C LYS B 51 -39.80 -10.07 18.24
N GLU B 52 -40.48 -9.09 17.64
CA GLU B 52 -41.95 -9.06 17.61
C GLU B 52 -42.55 -10.20 16.80
N LYS B 53 -41.87 -10.61 15.72
CA LYS B 53 -42.32 -11.80 14.95
C LYS B 53 -42.25 -13.10 15.77
N PHE B 54 -41.12 -13.36 16.45
CA PHE B 54 -41.02 -14.56 17.31
C PHE B 54 -41.97 -14.53 18.55
N ILE B 55 -42.25 -13.35 19.09
CA ILE B 55 -43.25 -13.20 20.16
C ILE B 55 -44.65 -13.50 19.61
N ALA B 56 -44.95 -12.95 18.43
CA ALA B 56 -46.21 -13.23 17.71
C ALA B 56 -46.43 -14.70 17.42
N LEU B 57 -45.35 -15.44 17.15
CA LEU B 57 -45.40 -16.90 16.98
C LEU B 57 -45.47 -17.73 18.30
N GLY B 58 -45.50 -17.06 19.45
CA GLY B 58 -45.75 -17.71 20.75
C GLY B 58 -44.51 -18.04 21.58
N LEU B 59 -43.32 -17.61 21.12
CA LEU B 59 -42.07 -17.88 21.83
C LEU B 59 -41.83 -16.85 22.93
N ASP B 60 -41.07 -17.24 23.94
CA ASP B 60 -40.52 -16.31 24.91
C ASP B 60 -39.18 -15.82 24.40
N VAL B 61 -39.12 -14.53 24.06
CA VAL B 61 -37.94 -13.94 23.45
C VAL B 61 -37.17 -13.16 24.53
N LYS B 62 -35.87 -13.44 24.64
CA LYS B 62 -34.97 -12.75 25.56
C LYS B 62 -33.80 -12.16 24.81
N GLU B 63 -33.35 -10.99 25.26
CA GLU B 63 -32.16 -10.32 24.77
C GLU B 63 -31.01 -10.54 25.73
N ASP B 64 -29.79 -10.57 25.21
CA ASP B 64 -28.58 -10.48 26.07
C ASP B 64 -28.14 -8.99 26.11
N GLU B 65 -26.86 -8.70 26.32
CA GLU B 65 -26.37 -7.31 26.31
C GLU B 65 -25.28 -7.10 25.25
N ALA B 66 -25.44 -7.72 24.09
CA ALA B 66 -24.45 -7.63 23.01
C ALA B 66 -24.34 -6.21 22.40
N ALA B 67 -25.45 -5.45 22.41
CA ALA B 67 -25.48 -4.06 21.93
C ALA B 67 -24.42 -3.17 22.56
N LYS B 68 -24.06 -3.42 23.82
CA LYS B 68 -22.95 -2.73 24.50
C LYS B 68 -21.60 -2.83 23.77
N HIS B 69 -21.38 -3.86 22.95
CA HIS B 69 -20.17 -3.96 22.12
C HIS B 69 -20.19 -2.87 21.03
N PRO B 70 -19.07 -2.14 20.85
CA PRO B 70 -19.13 -0.96 19.97
C PRO B 70 -19.24 -1.24 18.45
N LYS B 71 -18.89 -2.45 18.01
CA LYS B 71 -19.15 -2.90 16.63
C LYS B 71 -20.52 -3.60 16.42
N LEU B 72 -21.42 -3.63 17.42
CA LEU B 72 -22.76 -4.27 17.31
C LEU B 72 -23.92 -3.30 17.54
N GLY B 73 -24.94 -3.37 16.69
CA GLY B 73 -26.06 -2.41 16.71
C GLY B 73 -27.30 -2.81 17.51
N ALA B 74 -27.40 -4.07 17.90
CA ALA B 74 -28.49 -4.52 18.77
C ALA B 74 -28.04 -5.78 19.55
N ASN B 75 -28.89 -6.24 20.48
CA ASN B 75 -28.62 -7.45 21.28
C ASN B 75 -28.93 -8.69 20.47
N ASN B 76 -28.34 -9.82 20.86
CA ASN B 76 -28.77 -11.15 20.36
C ASN B 76 -30.14 -11.49 20.89
N LEU B 77 -30.88 -12.32 20.18
CA LEU B 77 -32.19 -12.80 20.61
C LEU B 77 -32.08 -14.28 20.88
N VAL B 78 -32.59 -14.75 22.02
CA VAL B 78 -32.75 -16.17 22.34
C VAL B 78 -34.25 -16.46 22.58
N CYS B 79 -34.90 -17.12 21.62
CA CYS B 79 -36.37 -17.32 21.60
C CYS B 79 -36.66 -18.79 21.88
N THR B 80 -37.37 -19.05 22.98
CA THR B 80 -37.61 -20.42 23.47
C THR B 80 -39.06 -20.80 23.24
N MSE B 81 -39.25 -22.00 22.70
CA MSE B 81 -40.57 -22.61 22.53
C MSE B 81 -40.60 -23.82 23.45
O MSE B 81 -39.74 -24.68 23.34
CB MSE B 81 -40.76 -22.98 21.05
CG MSE B 81 -41.63 -24.16 20.75
SE MSE B 81 -41.93 -24.31 18.84
CE MSE B 81 -43.65 -23.42 18.80
N ASN B 82 -41.57 -23.85 24.36
CA ASN B 82 -41.74 -24.98 25.31
C ASN B 82 -42.06 -26.29 24.63
N SER B 83 -41.58 -27.39 25.20
CA SER B 83 -41.94 -28.72 24.75
C SER B 83 -43.43 -28.94 24.95
N THR B 84 -44.10 -29.48 23.92
CA THR B 84 -45.49 -29.96 24.04
C THR B 84 -45.58 -31.50 24.10
N ILE B 85 -44.45 -32.19 24.26
CA ILE B 85 -44.43 -33.61 24.63
C ILE B 85 -44.36 -33.70 26.14
N GLU B 89 -40.28 -36.88 27.88
CA GLU B 89 -39.27 -35.90 27.49
C GLU B 89 -38.46 -36.37 26.26
N VAL B 90 -38.13 -35.43 25.39
CA VAL B 90 -37.26 -35.65 24.22
C VAL B 90 -36.11 -34.61 24.25
N PRO B 91 -35.09 -34.76 23.36
CA PRO B 91 -33.97 -33.80 23.46
C PRO B 91 -34.32 -32.33 23.18
N LYS B 92 -33.53 -31.43 23.79
CA LYS B 92 -33.69 -30.00 23.68
C LYS B 92 -32.84 -29.53 22.51
N LEU B 93 -33.48 -28.90 21.54
CA LEU B 93 -32.87 -28.50 20.28
C LEU B 93 -32.59 -26.99 20.35
N TYR B 94 -31.54 -26.54 19.66
CA TYR B 94 -31.45 -25.15 19.26
C TYR B 94 -31.19 -25.04 17.75
N LEU B 95 -31.59 -23.88 17.19
CA LEU B 95 -31.31 -23.49 15.83
C LEU B 95 -30.76 -22.06 15.85
N THR B 96 -29.77 -21.75 14.99
CA THR B 96 -29.23 -20.40 14.90
C THR B 96 -29.03 -19.88 13.45
N SER B 97 -29.41 -18.62 13.26
CA SER B 97 -29.12 -17.84 12.08
C SER B 97 -28.72 -16.45 12.54
N HIS B 98 -28.07 -15.71 11.66
CA HIS B 98 -27.64 -14.36 11.95
C HIS B 98 -28.49 -13.33 11.16
N MSE B 99 -28.82 -12.21 11.81
CA MSE B 99 -29.72 -11.21 11.24
C MSE B 99 -28.97 -10.14 10.39
O MSE B 99 -29.61 -9.39 9.65
CB MSE B 99 -30.56 -10.55 12.35
CG MSE B 99 -29.85 -9.51 13.22
SE MSE B 99 -30.93 -8.97 14.72
CE MSE B 99 -30.38 -10.31 16.01
N ASP B 100 -27.65 -10.04 10.56
CA ASP B 100 -26.82 -9.10 9.79
C ASP B 100 -26.40 -9.63 8.44
N THR B 101 -26.12 -8.71 7.51
CA THR B 101 -25.55 -9.05 6.21
C THR B 101 -24.26 -8.25 6.00
N VAL B 102 -23.45 -8.67 5.02
CA VAL B 102 -22.34 -7.82 4.52
C VAL B 102 -22.87 -6.54 3.81
N VAL B 103 -21.94 -5.64 3.52
CA VAL B 103 -22.17 -4.44 2.71
C VAL B 103 -21.92 -4.80 1.23
N PRO B 104 -22.61 -4.15 0.26
CA PRO B 104 -23.70 -3.17 0.35
C PRO B 104 -25.07 -3.86 0.38
N ALA B 105 -25.89 -3.51 1.38
CA ALA B 105 -27.21 -4.14 1.59
C ALA B 105 -28.25 -3.20 2.22
N ILE B 106 -28.26 -1.95 1.74
CA ILE B 106 -29.30 -0.97 2.07
C ILE B 106 -30.24 -0.92 0.85
N ASN B 107 -31.53 -1.12 1.09
CA ASN B 107 -32.57 -0.95 0.06
C ASN B 107 -32.47 -2.02 -1.04
N VAL B 108 -32.33 -3.27 -0.60
CA VAL B 108 -32.23 -4.42 -1.49
C VAL B 108 -33.59 -4.55 -2.20
N LYS B 109 -33.55 -4.71 -3.52
CA LYS B 109 -34.73 -4.84 -4.36
C LYS B 109 -34.68 -6.24 -5.01
N PRO B 110 -35.23 -7.26 -4.30
CA PRO B 110 -35.13 -8.63 -4.79
C PRO B 110 -36.05 -8.92 -5.99
N ILE B 111 -35.59 -9.75 -6.92
CA ILE B 111 -36.34 -10.11 -8.14
C ILE B 111 -36.43 -11.65 -8.27
N VAL B 112 -37.65 -12.18 -8.32
CA VAL B 112 -37.89 -13.60 -8.55
C VAL B 112 -38.00 -13.79 -10.06
N LYS B 113 -37.21 -14.71 -10.62
CA LYS B 113 -37.14 -14.92 -12.06
C LYS B 113 -37.65 -16.31 -12.43
N ASP B 114 -37.95 -16.45 -13.73
CA ASP B 114 -38.49 -17.69 -14.34
C ASP B 114 -37.53 -18.89 -14.28
N ASP B 115 -36.23 -18.63 -14.14
CA ASP B 115 -35.22 -19.70 -13.95
C ASP B 115 -35.22 -20.39 -12.57
N GLY B 116 -36.01 -19.87 -11.63
CA GLY B 116 -36.20 -20.47 -10.34
C GLY B 116 -35.25 -19.96 -9.28
N TYR B 117 -34.70 -18.76 -9.50
CA TYR B 117 -33.72 -18.15 -8.62
C TYR B 117 -34.23 -16.76 -8.21
N ILE B 118 -34.02 -16.40 -6.94
CA ILE B 118 -34.24 -15.02 -6.48
C ILE B 118 -32.90 -14.29 -6.58
N TYR B 119 -32.88 -13.11 -7.22
CA TYR B 119 -31.68 -12.25 -7.34
C TYR B 119 -31.90 -10.95 -6.61
N SER B 120 -30.82 -10.20 -6.37
CA SER B 120 -30.90 -8.73 -6.17
C SER B 120 -31.09 -8.05 -7.52
N ASP B 121 -31.21 -6.72 -7.51
CA ASP B 121 -31.24 -5.96 -8.78
C ASP B 121 -29.84 -5.62 -9.32
N GLY B 122 -28.76 -6.12 -8.68
CA GLY B 122 -27.39 -5.79 -9.07
C GLY B 122 -26.76 -4.66 -8.28
N THR B 123 -27.55 -3.75 -7.70
CA THR B 123 -26.99 -2.65 -6.88
C THR B 123 -26.58 -3.08 -5.44
N THR B 124 -27.10 -4.22 -4.97
CA THR B 124 -26.80 -4.73 -3.62
C THR B 124 -26.57 -6.24 -3.63
N ILE B 125 -26.15 -6.76 -2.49
CA ILE B 125 -26.24 -8.19 -2.19
C ILE B 125 -27.71 -8.56 -2.04
N LEU B 126 -28.02 -9.86 -2.04
CA LEU B 126 -29.40 -10.29 -1.81
C LEU B 126 -29.66 -10.38 -0.30
N GLY B 127 -28.65 -10.82 0.48
CA GLY B 127 -28.84 -11.16 1.88
C GLY B 127 -29.56 -12.47 2.12
N ALA B 128 -29.51 -13.38 1.14
CA ALA B 128 -29.88 -14.78 1.37
C ALA B 128 -29.02 -15.36 2.48
N ASP B 129 -27.76 -14.98 2.49
CA ASP B 129 -26.89 -15.16 3.62
C ASP B 129 -27.15 -14.03 4.63
N ASP B 130 -27.97 -14.20 5.69
CA ASP B 130 -28.53 -15.49 6.17
C ASP B 130 -30.04 -15.44 6.43
N LYS B 131 -30.73 -14.61 5.64
CA LYS B 131 -32.16 -14.45 5.78
C LYS B 131 -32.96 -15.61 5.18
N ALA B 132 -32.33 -16.47 4.37
CA ALA B 132 -32.91 -17.77 4.03
C ALA B 132 -33.10 -18.63 5.26
N GLY B 133 -32.10 -18.61 6.13
CA GLY B 133 -32.14 -19.32 7.39
C GLY B 133 -33.20 -18.79 8.32
N LEU B 134 -33.32 -17.47 8.40
CA LEU B 134 -34.40 -16.85 9.17
C LEU B 134 -35.77 -17.14 8.57
N ALA B 135 -35.91 -17.07 7.22
CA ALA B 135 -37.21 -17.34 6.58
C ALA B 135 -37.68 -18.78 6.83
N ALA B 136 -36.74 -19.72 6.67
CA ALA B 136 -36.92 -21.15 7.02
C ALA B 136 -37.41 -21.38 8.48
N MSE B 137 -36.78 -20.67 9.44
CA MSE B 137 -37.17 -20.76 10.86
C MSE B 137 -38.61 -20.24 11.09
O MSE B 137 -39.40 -20.87 11.79
CB MSE B 137 -36.23 -19.97 11.78
CG MSE B 137 -34.85 -20.53 12.06
SE MSE B 137 -33.83 -19.04 12.91
CE MSE B 137 -32.38 -20.03 13.77
N LEU B 138 -38.92 -19.07 10.51
CA LEU B 138 -40.27 -18.47 10.65
C LEU B 138 -41.37 -19.30 10.00
N GLU B 139 -41.08 -19.89 8.84
CA GLU B 139 -42.04 -20.76 8.17
C GLU B 139 -42.35 -22.01 8.96
N VAL B 140 -41.31 -22.63 9.51
CA VAL B 140 -41.45 -23.83 10.32
C VAL B 140 -42.32 -23.58 11.57
N LEU B 141 -42.06 -22.49 12.30
CA LEU B 141 -42.91 -22.12 13.45
C LEU B 141 -44.37 -21.93 13.07
N GLN B 142 -44.61 -21.24 11.95
CA GLN B 142 -45.97 -21.08 11.41
C GLN B 142 -46.62 -22.43 11.07
N VAL B 143 -45.86 -23.36 10.47
CA VAL B 143 -46.35 -24.72 10.18
C VAL B 143 -46.66 -25.51 11.48
N ILE B 144 -45.76 -25.45 12.45
CA ILE B 144 -45.95 -26.08 13.75
C ILE B 144 -47.22 -25.56 14.49
N LYS B 145 -47.43 -24.25 14.48
CA LYS B 145 -48.65 -23.63 15.03
C LYS B 145 -49.94 -24.14 14.37
N GLU B 146 -50.04 -23.93 13.06
CA GLU B 146 -51.28 -24.21 12.33
C GLU B 146 -51.67 -25.71 12.26
N GLN B 147 -50.69 -26.61 12.33
CA GLN B 147 -50.94 -28.08 12.32
C GLN B 147 -50.81 -28.80 13.69
N GLN B 148 -50.44 -28.06 14.75
CA GLN B 148 -50.26 -28.62 16.11
C GLN B 148 -49.33 -29.83 16.11
N ILE B 149 -48.14 -29.62 15.53
CA ILE B 149 -47.13 -30.68 15.42
C ILE B 149 -46.52 -30.84 16.80
N PRO B 150 -46.52 -32.07 17.37
CA PRO B 150 -45.84 -32.17 18.68
C PRO B 150 -44.33 -31.98 18.54
N HIS B 151 -43.73 -31.31 19.52
CA HIS B 151 -42.30 -31.01 19.50
C HIS B 151 -41.75 -30.90 20.91
N GLY B 152 -40.43 -31.16 21.02
CA GLY B 152 -39.66 -30.84 22.23
C GLY B 152 -39.37 -29.35 22.38
N GLN B 153 -38.50 -29.03 23.34
CA GLN B 153 -38.08 -27.65 23.52
C GLN B 153 -37.21 -27.26 22.34
N ILE B 154 -37.47 -26.08 21.78
CA ILE B 154 -36.65 -25.54 20.67
C ILE B 154 -36.28 -24.12 21.02
N GLN B 155 -34.97 -23.80 20.91
CA GLN B 155 -34.47 -22.42 21.02
C GLN B 155 -34.05 -21.90 19.65
N PHE B 156 -34.48 -20.67 19.33
CA PHE B 156 -34.10 -19.99 18.11
C PHE B 156 -33.18 -18.85 18.52
N VAL B 157 -31.91 -18.97 18.20
CA VAL B 157 -30.88 -18.03 18.60
C VAL B 157 -30.56 -17.16 17.38
N ILE B 158 -30.99 -15.90 17.40
CA ILE B 158 -30.75 -14.96 16.30
C ILE B 158 -29.57 -14.06 16.71
N THR B 159 -28.44 -14.17 15.99
CA THR B 159 -27.24 -13.39 16.37
C THR B 159 -27.09 -12.09 15.57
N VAL B 160 -26.31 -11.18 16.14
CA VAL B 160 -25.85 -9.97 15.46
C VAL B 160 -24.37 -10.12 15.09
N GLY B 161 -23.89 -9.30 14.16
CA GLY B 161 -22.44 -9.19 13.90
C GLY B 161 -21.66 -10.43 13.45
N GLU B 162 -22.33 -11.44 12.91
CA GLU B 162 -21.66 -12.65 12.39
C GLU B 162 -20.66 -12.30 11.29
N GLU B 163 -21.01 -11.31 10.46
CA GLU B 163 -20.16 -10.86 9.34
C GLU B 163 -19.08 -9.86 9.73
N SER B 164 -19.03 -9.49 11.01
CA SER B 164 -17.89 -8.76 11.59
C SER B 164 -16.95 -9.67 12.41
N GLY B 165 -16.99 -11.00 12.17
CA GLY B 165 -16.12 -11.96 12.86
C GLY B 165 -16.78 -12.67 14.03
N LEU B 166 -18.04 -13.10 13.82
CA LEU B 166 -18.80 -13.87 14.79
C LEU B 166 -18.94 -13.15 16.15
N ILE B 167 -19.07 -11.82 16.10
CA ILE B 167 -18.96 -11.00 17.32
C ILE B 167 -20.21 -11.15 18.20
N GLY B 168 -21.40 -11.30 17.60
CA GLY B 168 -22.61 -11.58 18.39
C GLY B 168 -22.50 -12.85 19.22
N ALA B 169 -22.10 -13.93 18.55
CA ALA B 169 -21.88 -15.23 19.17
C ALA B 169 -20.88 -15.17 20.33
N LYS B 170 -19.79 -14.44 20.14
CA LYS B 170 -18.77 -14.24 21.18
C LYS B 170 -19.28 -13.42 22.37
N GLU B 171 -20.23 -12.50 22.12
CA GLU B 171 -20.90 -11.72 23.18
C GLU B 171 -22.22 -12.36 23.69
N LEU B 172 -22.51 -13.61 23.31
CA LEU B 172 -23.77 -14.27 23.70
C LEU B 172 -23.72 -14.71 25.18
N ASN B 173 -24.79 -14.36 25.92
CA ASN B 173 -24.98 -14.86 27.26
C ASN B 173 -25.36 -16.36 27.21
N SER B 174 -24.40 -17.22 27.49
CA SER B 174 -24.60 -18.68 27.33
C SER B 174 -25.57 -19.29 28.36
N GLU B 175 -25.79 -18.61 29.49
CA GLU B 175 -26.81 -19.02 30.45
C GLU B 175 -28.27 -18.90 29.94
N LEU B 176 -28.51 -18.03 28.94
CA LEU B 176 -29.78 -18.05 28.20
C LEU B 176 -30.01 -19.32 27.36
N LEU B 177 -28.94 -20.05 27.00
CA LEU B 177 -29.06 -21.27 26.18
C LEU B 177 -29.41 -22.45 27.05
N ASP B 178 -30.21 -23.35 26.50
CA ASP B 178 -30.65 -24.56 27.21
C ASP B 178 -30.98 -25.60 26.13
N ALA B 179 -29.96 -26.35 25.73
CA ALA B 179 -30.05 -27.24 24.59
C ALA B 179 -29.04 -28.40 24.70
N ASP B 180 -29.45 -29.58 24.24
CA ASP B 180 -28.58 -30.78 24.16
C ASP B 180 -27.67 -30.77 22.93
N PHE B 181 -28.17 -30.19 21.84
CA PHE B 181 -27.41 -29.99 20.61
C PHE B 181 -28.22 -29.07 19.70
N GLY B 182 -27.64 -28.67 18.57
CA GLY B 182 -28.38 -27.95 17.58
C GLY B 182 -27.64 -27.60 16.34
N TYR B 183 -28.19 -26.65 15.57
CA TYR B 183 -27.84 -26.48 14.16
C TYR B 183 -27.67 -25.00 13.84
N ALA B 184 -26.56 -24.64 13.18
CA ALA B 184 -26.40 -23.31 12.54
C ALA B 184 -26.88 -23.41 11.10
N ILE B 185 -27.87 -22.60 10.73
CA ILE B 185 -28.50 -22.71 9.40
C ILE B 185 -27.78 -21.75 8.48
N ASP B 186 -26.52 -22.07 8.15
CA ASP B 186 -25.57 -21.05 7.64
C ASP B 186 -24.27 -21.63 7.05
N ALA B 187 -24.37 -22.71 6.28
CA ALA B 187 -23.22 -23.29 5.57
C ALA B 187 -23.39 -23.03 4.07
N SER B 188 -22.28 -22.74 3.38
CA SER B 188 -22.20 -22.69 1.92
C SER B 188 -22.06 -24.10 1.42
N ALA B 189 -23.18 -24.80 1.35
CA ALA B 189 -23.24 -26.13 0.78
C ALA B 189 -24.69 -26.37 0.34
N ASP B 190 -24.86 -27.41 -0.47
CA ASP B 190 -26.19 -27.80 -0.95
C ASP B 190 -27.06 -28.15 0.26
N VAL B 191 -28.37 -27.94 0.12
CA VAL B 191 -29.31 -28.35 1.17
C VAL B 191 -29.26 -29.90 1.29
N GLY B 192 -29.17 -30.39 2.54
CA GLY B 192 -28.94 -31.82 2.83
C GLY B 192 -27.47 -32.24 3.01
N THR B 193 -26.54 -31.32 2.80
CA THR B 193 -25.15 -31.50 3.18
C THR B 193 -24.93 -30.81 4.52
N THR B 194 -24.27 -31.49 5.46
CA THR B 194 -24.08 -31.00 6.83
C THR B 194 -22.57 -30.80 7.08
N VAL B 195 -22.18 -29.62 7.57
CA VAL B 195 -20.79 -29.35 7.95
C VAL B 195 -20.56 -29.88 9.35
N VAL B 196 -19.73 -30.93 9.47
CA VAL B 196 -19.48 -31.61 10.78
C VAL B 196 -18.17 -31.22 11.47
N GLY B 197 -17.32 -30.47 10.76
CA GLY B 197 -16.12 -29.89 11.34
C GLY B 197 -15.70 -28.63 10.63
N ALA B 198 -14.93 -27.80 11.33
CA ALA B 198 -14.45 -26.51 10.81
C ALA B 198 -13.07 -26.22 11.43
N PRO B 199 -12.25 -25.36 10.78
CA PRO B 199 -10.88 -25.16 11.23
C PRO B 199 -10.80 -24.11 12.33
N THR B 200 -9.68 -24.09 13.06
CA THR B 200 -9.22 -22.92 13.79
C THR B 200 -8.66 -21.94 12.80
N GLN B 201 -9.04 -20.66 12.92
CA GLN B 201 -8.42 -19.58 12.14
C GLN B 201 -7.72 -18.59 13.06
N MSE B 202 -6.53 -18.15 12.65
CA MSE B 202 -5.76 -17.12 13.33
C MSE B 202 -5.31 -16.05 12.34
O MSE B 202 -5.00 -16.36 11.20
CB MSE B 202 -4.56 -17.74 14.03
CG MSE B 202 -4.96 -18.76 15.11
SE MSE B 202 -3.59 -18.95 16.42
CE MSE B 202 -4.42 -20.37 17.53
N LEU B 203 -5.37 -14.78 12.78
CA LEU B 203 -4.77 -13.66 12.07
C LEU B 203 -3.32 -13.50 12.58
N ILE B 204 -2.39 -13.28 11.65
CA ILE B 204 -1.00 -12.98 11.96
C ILE B 204 -0.66 -11.73 11.20
N SER B 205 -0.31 -10.65 11.91
CA SER B 205 0.16 -9.39 11.30
C SER B 205 1.61 -9.14 11.65
N ALA B 206 2.32 -8.44 10.76
CA ALA B 206 3.75 -8.20 10.89
C ALA B 206 4.08 -6.76 10.46
N LYS B 207 4.87 -6.07 11.29
CA LYS B 207 5.50 -4.80 10.96
C LYS B 207 6.99 -5.04 10.87
N ILE B 208 7.55 -4.90 9.66
CA ILE B 208 8.96 -5.12 9.41
C ILE B 208 9.59 -3.74 9.29
N ILE B 209 10.60 -3.47 10.13
CA ILE B 209 11.31 -2.19 10.16
C ILE B 209 12.71 -2.41 9.65
N GLY B 210 13.13 -1.52 8.74
CA GLY B 210 14.48 -1.50 8.22
C GLY B 210 15.17 -0.23 8.67
N LYS B 211 15.98 0.35 7.78
CA LYS B 211 16.67 1.62 8.05
C LYS B 211 16.73 2.42 6.75
N THR B 212 16.31 3.67 6.80
CA THR B 212 16.20 4.52 5.62
C THR B 212 17.61 4.94 5.14
N ALA B 213 17.77 5.02 3.82
CA ALA B 213 18.95 5.56 3.18
C ALA B 213 18.51 6.06 1.79
N HIS B 214 19.38 6.80 1.13
CA HIS B 214 19.19 7.13 -0.26
C HIS B 214 19.43 5.86 -1.10
N ALA B 215 18.64 5.71 -2.16
CA ALA B 215 18.71 4.52 -3.02
C ALA B 215 20.05 4.37 -3.76
N SER B 216 20.75 5.49 -3.99
CA SER B 216 22.12 5.48 -4.53
C SER B 216 23.18 4.89 -3.59
N THR B 217 22.92 4.85 -2.29
CA THR B 217 23.88 4.30 -1.30
C THR B 217 23.16 3.23 -0.45
N PRO B 218 22.72 2.14 -1.10
CA PRO B 218 21.88 1.13 -0.46
C PRO B 218 22.55 0.36 0.69
N LYS B 219 23.89 0.30 0.71
CA LYS B 219 24.62 -0.26 1.87
C LYS B 219 24.46 0.53 3.20
N GLU B 220 23.98 1.78 3.13
CA GLU B 220 23.72 2.60 4.31
C GLU B 220 22.36 2.31 4.95
N GLY B 221 21.49 1.57 4.25
CA GLY B 221 20.15 1.25 4.73
C GLY B 221 19.89 -0.25 4.74
N VAL B 222 18.67 -0.61 5.14
CA VAL B 222 18.20 -1.97 5.18
C VAL B 222 16.76 -1.91 4.70
N SER B 223 16.46 -2.59 3.61
CA SER B 223 15.15 -2.51 2.98
C SER B 223 14.19 -3.48 3.69
N ALA B 224 13.11 -2.94 4.28
CA ALA B 224 12.04 -3.75 4.85
C ALA B 224 11.24 -4.47 3.75
N ILE B 225 11.21 -3.91 2.54
CA ILE B 225 10.59 -4.63 1.40
C ILE B 225 11.36 -5.88 1.08
N ASN B 226 12.70 -5.79 0.95
CA ASN B 226 13.52 -6.98 0.69
C ASN B 226 13.43 -8.03 1.82
N ILE B 227 13.39 -7.59 3.09
CA ILE B 227 13.24 -8.53 4.21
C ILE B 227 11.90 -9.28 4.14
N ALA B 228 10.80 -8.54 3.99
CA ALA B 228 9.45 -9.13 3.86
C ALA B 228 9.34 -10.09 2.66
N ALA B 229 9.88 -9.69 1.52
CA ALA B 229 9.95 -10.56 0.32
C ALA B 229 10.76 -11.82 0.56
N LYS B 230 11.92 -11.71 1.22
CA LYS B 230 12.74 -12.90 1.53
C LYS B 230 12.03 -13.85 2.52
N ALA B 231 11.37 -13.26 3.52
CA ALA B 231 10.54 -14.02 4.49
C ALA B 231 9.43 -14.81 3.81
N ILE B 232 8.64 -14.13 3.00
CA ILE B 232 7.55 -14.74 2.24
C ILE B 232 8.06 -15.85 1.30
N SER B 233 9.20 -15.61 0.66
CA SER B 233 9.76 -16.59 -0.28
C SER B 233 10.22 -17.92 0.36
N ARG B 234 10.50 -17.94 1.67
CA ARG B 234 10.80 -19.21 2.40
C ARG B 234 9.71 -19.74 3.33
N MSE B 235 8.52 -19.16 3.24
CA MSE B 235 7.41 -19.42 4.18
C MSE B 235 6.50 -20.47 3.58
O MSE B 235 6.24 -20.45 2.37
CB MSE B 235 6.61 -18.14 4.42
CG MSE B 235 5.63 -18.17 5.58
SE MSE B 235 5.11 -16.36 6.04
CE MSE B 235 6.76 -15.92 6.94
N LYS B 236 6.07 -21.40 4.42
CA LYS B 236 4.98 -22.31 4.13
C LYS B 236 3.67 -21.51 4.01
N LEU B 237 3.17 -21.40 2.78
CA LEU B 237 1.97 -20.61 2.45
C LEU B 237 1.12 -21.37 1.42
N GLY B 238 -0.11 -20.92 1.22
CA GLY B 238 -1.05 -21.58 0.34
C GLY B 238 -1.64 -22.81 1.01
N GLN B 239 -1.73 -23.92 0.27
CA GLN B 239 -2.12 -25.23 0.84
C GLN B 239 -0.87 -25.83 1.46
N VAL B 240 -0.63 -25.49 2.72
CA VAL B 240 0.52 -25.92 3.46
C VAL B 240 0.50 -27.43 3.63
N ASP B 241 -0.63 -27.98 4.03
CA ASP B 241 -0.85 -29.44 3.94
C ASP B 241 -2.31 -29.72 3.67
N GLU B 242 -2.70 -30.99 3.65
CA GLU B 242 -4.09 -31.36 3.36
C GLU B 242 -5.10 -30.71 4.28
N ILE B 243 -4.72 -30.46 5.54
CA ILE B 243 -5.65 -29.87 6.51
C ILE B 243 -5.28 -28.43 6.99
N THR B 244 -4.33 -27.77 6.32
CA THR B 244 -3.74 -26.49 6.78
C THR B 244 -3.52 -25.54 5.60
N THR B 245 -3.93 -24.29 5.78
CA THR B 245 -3.71 -23.24 4.79
C THR B 245 -3.10 -21.99 5.44
N ALA B 246 -2.45 -21.15 4.63
CA ALA B 246 -2.02 -19.80 5.07
C ALA B 246 -1.95 -18.86 3.87
N ASN B 247 -2.13 -17.56 4.13
CA ASN B 247 -2.26 -16.55 3.07
C ASN B 247 -1.74 -15.22 3.62
N ILE B 248 -0.85 -14.55 2.86
CA ILE B 248 -0.57 -13.12 3.06
C ILE B 248 -1.60 -12.31 2.28
N GLY B 249 -2.54 -11.70 2.99
CA GLY B 249 -3.61 -10.95 2.34
C GLY B 249 -3.25 -9.56 1.87
N LYS B 250 -2.37 -8.87 2.63
CA LYS B 250 -2.03 -7.46 2.41
C LYS B 250 -0.56 -7.29 2.62
N PHE B 251 0.10 -6.57 1.71
CA PHE B 251 1.54 -6.25 1.83
C PHE B 251 1.62 -4.81 1.36
N HIS B 252 1.93 -3.89 2.29
CA HIS B 252 2.04 -2.45 1.98
CA HIS B 252 2.04 -2.45 1.99
C HIS B 252 3.30 -1.84 2.61
N GLY B 253 4.11 -1.16 1.80
CA GLY B 253 5.28 -0.49 2.31
C GLY B 253 6.05 0.34 1.28
N GLY B 254 6.72 1.36 1.79
CA GLY B 254 7.60 2.17 1.01
C GLY B 254 6.92 3.41 0.51
N SER B 255 7.65 4.51 0.53
CA SER B 255 7.13 5.84 0.16
C SER B 255 7.63 6.35 -1.19
N ALA B 256 8.84 5.95 -1.60
CA ALA B 256 9.44 6.55 -2.80
C ALA B 256 10.48 5.64 -3.44
N THR B 257 10.63 5.73 -4.78
CA THR B 257 11.61 4.90 -5.51
C THR B 257 13.08 5.17 -5.11
N ASN B 258 13.40 6.43 -4.83
CA ASN B 258 14.76 6.86 -4.47
C ASN B 258 15.17 6.71 -2.98
N ILE B 259 14.31 6.09 -2.17
CA ILE B 259 14.53 5.84 -0.73
C ILE B 259 14.45 4.33 -0.45
N VAL B 260 15.41 3.81 0.32
CA VAL B 260 15.36 2.44 0.83
C VAL B 260 14.18 2.33 1.82
N ALA B 261 13.28 1.38 1.59
CA ALA B 261 12.02 1.28 2.34
C ALA B 261 12.30 0.82 3.77
N ASP B 262 11.94 1.64 4.76
CA ASP B 262 12.20 1.30 6.18
C ASP B 262 10.97 0.71 6.92
N GLU B 263 9.83 0.54 6.24
CA GLU B 263 8.62 0.00 6.88
C GLU B 263 7.73 -0.75 5.88
N VAL B 264 7.41 -2.01 6.22
CA VAL B 264 6.37 -2.81 5.54
C VAL B 264 5.37 -3.32 6.59
N ILE B 265 4.07 -3.21 6.29
CA ILE B 265 3.00 -3.85 7.08
C ILE B 265 2.45 -5.03 6.29
N LEU B 266 2.41 -6.20 6.94
CA LEU B 266 1.82 -7.42 6.37
C LEU B 266 0.60 -7.83 7.21
N GLU B 267 -0.46 -8.27 6.56
CA GLU B 267 -1.60 -8.91 7.25
C GLU B 267 -1.87 -10.24 6.61
N ALA B 268 -1.81 -11.29 7.44
CA ALA B 268 -1.94 -12.66 6.97
C ALA B 268 -2.94 -13.42 7.82
N GLU B 269 -3.29 -14.62 7.38
CA GLU B 269 -4.03 -15.58 8.19
C GLU B 269 -3.48 -17.00 8.03
N ALA B 270 -3.89 -17.88 8.93
CA ALA B 270 -3.66 -19.32 8.82
C ALA B 270 -4.88 -20.07 9.35
N ARG B 271 -5.13 -21.26 8.80
CA ARG B 271 -6.23 -22.10 9.22
C ARG B 271 -5.73 -23.51 9.30
N SER B 272 -6.23 -24.27 10.27
CA SER B 272 -6.03 -25.71 10.28
C SER B 272 -7.13 -26.45 11.03
N HIS B 273 -7.32 -27.73 10.66
CA HIS B 273 -8.25 -28.66 11.34
CA HIS B 273 -8.26 -28.63 11.36
C HIS B 273 -7.60 -29.44 12.50
N ASP B 274 -6.29 -29.21 12.74
CA ASP B 274 -5.57 -29.75 13.87
C ASP B 274 -5.03 -28.54 14.69
N PRO B 275 -5.37 -28.45 16.00
CA PRO B 275 -4.82 -27.34 16.84
C PRO B 275 -3.29 -27.28 16.97
N GLU B 276 -2.62 -28.44 16.96
CA GLU B 276 -1.14 -28.48 16.98
C GLU B 276 -0.51 -27.98 15.68
N ARG B 277 -1.15 -28.30 14.54
CA ARG B 277 -0.65 -27.79 13.26
C ARG B 277 -0.85 -26.28 13.08
N ILE B 278 -1.97 -25.71 13.57
CA ILE B 278 -2.14 -24.22 13.50
C ILE B 278 -1.08 -23.52 14.38
N LYS B 279 -0.80 -24.07 15.57
CA LYS B 279 0.25 -23.54 16.48
C LYS B 279 1.63 -23.51 15.81
N THR B 280 2.01 -24.64 15.22
CA THR B 280 3.25 -24.75 14.47
C THR B 280 3.32 -23.77 13.32
N GLN B 281 2.23 -23.65 12.57
CA GLN B 281 2.17 -22.75 11.40
C GLN B 281 2.30 -21.27 11.79
N VAL B 282 1.58 -20.87 12.84
CA VAL B 282 1.69 -19.47 13.33
C VAL B 282 3.11 -19.14 13.90
N LYS B 283 3.68 -20.09 14.65
CA LYS B 283 5.03 -19.95 15.18
C LYS B 283 6.05 -19.89 14.04
N HIS B 284 5.85 -20.77 13.05
CA HIS B 284 6.69 -20.77 11.85
C HIS B 284 6.72 -19.41 11.15
N MSE B 285 5.53 -18.84 10.91
CA MSE B 285 5.41 -17.54 10.23
C MSE B 285 6.10 -16.44 11.06
O MSE B 285 6.98 -15.67 10.55
CB MSE B 285 3.95 -17.21 9.96
CG MSE B 285 3.24 -18.13 8.95
SE MSE B 285 1.31 -17.99 9.06
CE MSE B 285 1.08 -16.67 7.64
N THR B 286 5.78 -16.42 12.36
CA THR B 286 6.43 -15.55 13.34
C THR B 286 7.94 -15.64 13.29
N ASP B 287 8.48 -16.86 13.41
CA ASP B 287 9.93 -17.04 13.46
C ASP B 287 10.60 -16.69 12.13
N VAL B 288 9.97 -17.02 10.99
CA VAL B 288 10.52 -16.67 9.69
C VAL B 288 10.65 -15.15 9.55
N PHE B 289 9.60 -14.41 9.94
CA PHE B 289 9.65 -12.94 9.92
C PHE B 289 10.73 -12.36 10.84
N GLU B 290 10.78 -12.84 12.09
CA GLU B 290 11.71 -12.30 13.07
C GLU B 290 13.18 -12.60 12.72
N THR B 291 13.48 -13.85 12.37
CA THR B 291 14.85 -14.23 12.12
C THR B 291 15.33 -13.76 10.72
N THR B 292 14.45 -13.72 9.71
CA THR B 292 14.81 -13.10 8.41
C THR B 292 15.14 -11.59 8.58
N ALA B 293 14.32 -10.86 9.35
CA ALA B 293 14.58 -9.42 9.60
C ALA B 293 15.90 -9.21 10.38
N SER B 294 16.09 -10.00 11.42
CA SER B 294 17.32 -9.95 12.23
C SER B 294 18.59 -10.31 11.45
N GLU B 295 18.52 -11.36 10.63
CA GLU B 295 19.63 -11.71 9.71
C GLU B 295 20.07 -10.55 8.80
N LEU B 296 19.10 -9.77 8.30
CA LEU B 296 19.37 -8.72 7.33
C LEU B 296 19.50 -7.32 7.94
N GLY B 297 19.59 -7.23 9.27
CA GLY B 297 19.81 -5.96 9.95
C GLY B 297 18.57 -5.17 10.32
N GLY B 298 17.40 -5.78 10.22
CA GLY B 298 16.13 -5.14 10.56
C GLY B 298 15.51 -5.80 11.77
N LYS B 299 14.20 -5.63 11.90
CA LYS B 299 13.44 -6.28 12.96
C LYS B 299 11.96 -6.45 12.60
N ALA B 300 11.32 -7.44 13.21
CA ALA B 300 9.96 -7.79 12.89
C ALA B 300 9.17 -7.79 14.18
N GLU B 301 8.05 -7.05 14.21
CA GLU B 301 7.05 -7.13 15.28
C GLU B 301 5.92 -7.93 14.73
N VAL B 302 5.61 -9.05 15.38
CA VAL B 302 4.55 -9.94 14.94
C VAL B 302 3.50 -10.03 16.03
N THR B 303 2.22 -9.95 15.65
CA THR B 303 1.12 -10.10 16.60
C THR B 303 0.12 -11.01 16.03
N VAL B 304 -0.53 -11.80 16.89
CA VAL B 304 -1.46 -12.85 16.47
C VAL B 304 -2.77 -12.72 17.19
N GLU B 305 -3.83 -13.24 16.59
CA GLU B 305 -5.17 -13.17 17.17
C GLU B 305 -5.93 -14.36 16.65
N GLN B 306 -6.58 -15.13 17.52
CA GLN B 306 -7.48 -16.21 17.10
C GLN B 306 -8.85 -15.64 16.73
N SER B 307 -9.29 -15.86 15.48
CA SER B 307 -10.64 -15.48 15.05
C SER B 307 -11.71 -16.43 15.61
N TYR B 308 -11.45 -17.74 15.51
CA TYR B 308 -12.36 -18.75 16.06
C TYR B 308 -11.63 -20.09 16.22
N PRO B 309 -12.06 -20.94 17.20
CA PRO B 309 -11.49 -22.27 17.34
C PRO B 309 -12.19 -23.29 16.43
N GLY B 310 -11.42 -24.29 16.00
CA GLY B 310 -11.95 -25.40 15.23
C GLY B 310 -12.78 -26.39 16.04
N PHE B 311 -13.50 -27.25 15.34
CA PHE B 311 -14.22 -28.36 15.97
C PHE B 311 -14.36 -29.52 15.01
N LYS B 312 -14.63 -30.71 15.56
CA LYS B 312 -15.05 -31.87 14.77
C LYS B 312 -16.01 -32.69 15.60
N ILE B 313 -17.26 -32.77 15.16
CA ILE B 313 -18.26 -33.57 15.84
C ILE B 313 -18.14 -34.99 15.30
N ASN B 314 -18.12 -35.96 16.21
CA ASN B 314 -18.01 -37.39 15.86
C ASN B 314 -19.17 -37.81 14.94
N ASP B 315 -18.88 -38.73 14.03
CA ASP B 315 -19.81 -39.11 12.94
C ASP B 315 -21.07 -39.85 13.46
N ASN B 316 -20.96 -40.47 14.65
CA ASN B 316 -22.08 -41.15 15.32
C ASN B 316 -22.78 -40.36 16.42
N GLU B 317 -22.48 -39.06 16.55
CA GLU B 317 -23.27 -38.18 17.45
C GLU B 317 -24.68 -38.02 16.91
N ALA B 318 -25.63 -37.91 17.84
CA ALA B 318 -27.05 -37.79 17.49
C ALA B 318 -27.33 -36.58 16.61
N VAL B 319 -26.65 -35.46 16.91
CA VAL B 319 -26.83 -34.24 16.12
C VAL B 319 -26.47 -34.44 14.64
N VAL B 320 -25.43 -35.25 14.36
CA VAL B 320 -25.03 -35.60 12.97
C VAL B 320 -26.04 -36.54 12.31
N LYS B 321 -26.33 -37.67 12.96
CA LYS B 321 -27.23 -38.69 12.41
C LYS B 321 -28.64 -38.16 12.14
N ILE B 322 -29.13 -37.26 13.01
CA ILE B 322 -30.44 -36.62 12.82
C ILE B 322 -30.43 -35.70 11.57
N ALA B 323 -29.38 -34.91 11.43
CA ALA B 323 -29.15 -34.11 10.22
C ALA B 323 -29.18 -34.98 8.95
N GLN B 324 -28.43 -36.08 8.97
CA GLN B 324 -28.38 -37.04 7.88
C GLN B 324 -29.74 -37.71 7.61
N GLU B 325 -30.45 -38.11 8.67
CA GLU B 325 -31.78 -38.77 8.50
C GLU B 325 -32.78 -37.82 7.85
N SER B 326 -32.78 -36.56 8.32
CA SER B 326 -33.63 -35.49 7.76
C SER B 326 -33.34 -35.23 6.28
N ALA B 327 -32.06 -35.20 5.89
CA ALA B 327 -31.67 -35.14 4.46
C ALA B 327 -32.18 -36.37 3.65
N ARG B 328 -31.89 -37.59 4.15
CA ARG B 328 -32.34 -38.85 3.49
C ARG B 328 -33.84 -38.90 3.27
N ASN B 329 -34.59 -38.56 4.34
CA ASN B 329 -36.09 -38.47 4.28
C ASN B 329 -36.64 -37.53 3.21
N LEU B 330 -35.91 -36.45 2.90
CA LEU B 330 -36.30 -35.53 1.85
C LEU B 330 -35.60 -35.81 0.49
N GLY B 331 -34.95 -36.97 0.34
CA GLY B 331 -34.28 -37.37 -0.91
C GLY B 331 -33.02 -36.56 -1.30
N LEU B 332 -32.33 -36.04 -0.29
CA LEU B 332 -31.12 -35.24 -0.47
C LEU B 332 -29.90 -36.12 -0.13
N SER B 333 -28.67 -35.64 -0.41
CA SER B 333 -27.44 -36.46 -0.32
C SER B 333 -27.17 -37.08 1.07
N ALA B 334 -27.49 -36.35 2.12
CA ALA B 334 -27.07 -36.75 3.50
C ALA B 334 -25.54 -36.80 3.68
N ASN B 335 -24.82 -36.01 2.89
CA ASN B 335 -23.37 -35.93 2.97
C ASN B 335 -22.95 -35.13 4.20
N THR B 336 -21.82 -35.52 4.78
CA THR B 336 -21.20 -34.75 5.83
C THR B 336 -19.85 -34.28 5.33
N ILE B 337 -19.55 -32.99 5.47
CA ILE B 337 -18.31 -32.38 4.99
C ILE B 337 -17.62 -31.64 6.10
N ILE B 338 -16.40 -31.21 5.80
CA ILE B 338 -15.61 -30.37 6.66
C ILE B 338 -15.49 -29.01 5.94
N SER B 339 -15.85 -27.93 6.64
CA SER B 339 -15.81 -26.55 6.08
C SER B 339 -14.39 -25.97 6.08
N GLY B 340 -14.11 -25.02 5.19
CA GLY B 340 -12.87 -24.24 5.21
C GLY B 340 -12.90 -23.00 6.11
N GLY B 341 -14.01 -22.74 6.80
CA GLY B 341 -14.13 -21.52 7.60
C GLY B 341 -15.14 -21.61 8.72
N GLY B 342 -15.45 -20.44 9.29
CA GLY B 342 -16.19 -20.33 10.54
C GLY B 342 -17.67 -19.96 10.37
N SER B 343 -18.38 -20.04 11.49
CA SER B 343 -19.78 -19.67 11.59
C SER B 343 -20.04 -19.49 13.08
N ASP B 344 -21.24 -19.05 13.44
CA ASP B 344 -21.65 -19.00 14.87
C ASP B 344 -21.59 -20.36 15.58
N GLY B 345 -21.75 -21.45 14.85
CA GLY B 345 -21.58 -22.80 15.42
C GLY B 345 -20.19 -23.11 15.92
N SER B 346 -19.17 -22.45 15.32
CA SER B 346 -17.79 -22.49 15.85
C SER B 346 -17.72 -21.96 17.26
N ILE B 347 -18.46 -20.89 17.55
CA ILE B 347 -18.49 -20.30 18.88
C ILE B 347 -19.41 -21.11 19.81
N ILE B 348 -20.62 -21.47 19.36
CA ILE B 348 -21.58 -22.18 20.22
CA ILE B 348 -21.58 -22.19 20.22
C ILE B 348 -21.04 -23.57 20.63
N ASN B 349 -20.28 -24.23 19.75
CA ASN B 349 -19.55 -25.44 20.16
C ASN B 349 -18.63 -25.27 21.40
N THR B 350 -18.02 -24.08 21.59
CA THR B 350 -17.16 -23.81 22.79
C THR B 350 -17.95 -23.80 24.11
N PHE B 351 -19.27 -23.61 24.03
CA PHE B 351 -20.14 -23.72 25.20
C PHE B 351 -20.45 -25.17 25.61
N GLY B 352 -19.98 -26.18 24.86
CA GLY B 352 -20.32 -27.59 25.12
C GLY B 352 -21.66 -28.07 24.56
N ILE B 353 -22.24 -27.34 23.61
CA ILE B 353 -23.47 -27.74 22.92
C ILE B 353 -23.03 -28.22 21.53
N PRO B 354 -23.02 -29.56 21.28
CA PRO B 354 -22.62 -30.05 19.95
C PRO B 354 -23.44 -29.42 18.81
N SER B 355 -22.74 -28.78 17.87
CA SER B 355 -23.36 -28.01 16.81
C SER B 355 -22.73 -28.33 15.44
N VAL B 356 -23.60 -28.51 14.45
CA VAL B 356 -23.21 -28.71 13.06
C VAL B 356 -23.90 -27.67 12.23
N ILE B 357 -23.43 -27.48 11.00
CA ILE B 357 -23.82 -26.37 10.17
C ILE B 357 -24.52 -26.96 8.92
N LEU B 358 -25.81 -26.64 8.74
CA LEU B 358 -26.61 -27.14 7.62
C LEU B 358 -26.40 -26.28 6.38
N GLY B 359 -26.20 -26.93 5.23
CA GLY B 359 -26.27 -26.29 3.94
C GLY B 359 -27.56 -25.53 3.67
N VAL B 360 -27.42 -24.26 3.29
CA VAL B 360 -28.52 -23.35 2.94
C VAL B 360 -28.78 -23.34 1.44
N GLY B 361 -27.70 -23.50 0.66
CA GLY B 361 -27.78 -23.51 -0.77
C GLY B 361 -27.77 -22.13 -1.41
N TYR B 362 -27.53 -21.08 -0.62
CA TYR B 362 -27.20 -19.76 -1.19
C TYR B 362 -25.91 -19.78 -2.07
N GLU B 363 -25.87 -18.91 -3.07
CA GLU B 363 -24.78 -18.92 -4.08
C GLU B 363 -24.31 -17.51 -4.31
N LYS B 364 -23.01 -17.39 -4.62
CA LYS B 364 -22.36 -16.12 -4.91
C LYS B 364 -22.53 -15.12 -3.77
N ILE B 365 -22.44 -15.60 -2.53
CA ILE B 365 -22.71 -14.79 -1.35
C ILE B 365 -21.63 -13.72 -1.22
N HIS B 366 -21.98 -12.62 -0.56
CA HIS B 366 -21.08 -11.46 -0.35
C HIS B 366 -20.72 -10.70 -1.63
N THR B 367 -21.53 -10.86 -2.67
CA THR B 367 -21.34 -10.15 -3.93
C THR B 367 -22.72 -9.71 -4.39
N THR B 368 -22.76 -8.75 -5.31
CA THR B 368 -24.04 -8.28 -5.86
C THR B 368 -24.70 -9.27 -6.86
N ASN B 369 -24.01 -10.35 -7.24
CA ASN B 369 -24.61 -11.46 -7.97
C ASN B 369 -25.24 -12.54 -7.10
N GLU B 370 -25.28 -12.34 -5.77
CA GLU B 370 -25.88 -13.32 -4.84
C GLU B 370 -27.28 -13.71 -5.29
N ARG B 371 -27.57 -15.00 -5.16
CA ARG B 371 -28.86 -15.48 -5.53
C ARG B 371 -29.25 -16.68 -4.69
N MSE B 372 -30.55 -16.95 -4.66
CA MSE B 372 -31.10 -18.03 -3.88
C MSE B 372 -31.99 -18.88 -4.75
O MSE B 372 -32.94 -18.34 -5.31
CB MSE B 372 -31.89 -17.45 -2.71
CG MSE B 372 -32.39 -18.50 -1.70
SE MSE B 372 -31.04 -19.44 -0.74
CE MSE B 372 -32.21 -20.85 -0.05
N PRO B 373 -31.72 -20.22 -4.82
CA PRO B 373 -32.66 -21.07 -5.55
C PRO B 373 -33.91 -21.26 -4.72
N ILE B 374 -35.08 -21.10 -5.34
CA ILE B 374 -36.37 -21.24 -4.63
C ILE B 374 -36.54 -22.68 -4.10
N LYS B 375 -36.18 -23.67 -4.92
CA LYS B 375 -36.23 -25.09 -4.53
C LYS B 375 -35.41 -25.39 -3.28
N SER B 376 -34.23 -24.77 -3.17
CA SER B 376 -33.38 -24.87 -1.96
C SER B 376 -34.03 -24.23 -0.72
N LEU B 377 -34.66 -23.08 -0.88
CA LEU B 377 -35.38 -22.45 0.24
C LEU B 377 -36.51 -23.37 0.74
N ASN B 378 -37.27 -23.94 -0.20
CA ASN B 378 -38.34 -24.91 0.13
C ASN B 378 -37.83 -26.15 0.85
N LEU B 379 -36.73 -26.73 0.35
CA LEU B 379 -36.13 -27.92 0.97
C LEU B 379 -35.52 -27.62 2.34
N LEU B 380 -34.85 -26.47 2.49
CA LEU B 380 -34.26 -26.09 3.79
C LEU B 380 -35.33 -26.01 4.87
N ALA B 381 -36.41 -25.28 4.57
CA ALA B 381 -37.58 -25.19 5.44
C ALA B 381 -38.19 -26.56 5.77
N SER B 382 -38.35 -27.41 4.75
CA SER B 382 -38.79 -28.82 4.94
C SER B 382 -37.82 -29.61 5.79
N GLN B 383 -36.50 -29.39 5.62
CA GLN B 383 -35.47 -30.09 6.42
C GLN B 383 -35.49 -29.69 7.88
N VAL B 384 -35.61 -28.39 8.17
CA VAL B 384 -35.67 -27.90 9.55
C VAL B 384 -36.92 -28.45 10.27
N LEU B 385 -38.06 -28.48 9.55
CA LEU B 385 -39.27 -29.14 10.06
C LEU B 385 -39.00 -30.62 10.38
N GLU B 386 -38.39 -31.32 9.42
CA GLU B 386 -38.11 -32.74 9.53
C GLU B 386 -37.20 -33.07 10.75
N ILE B 387 -36.15 -32.26 10.94
CA ILE B 387 -35.26 -32.35 12.11
C ILE B 387 -36.03 -32.24 13.44
N ILE B 388 -36.95 -31.28 13.51
CA ILE B 388 -37.78 -31.07 14.70
C ILE B 388 -38.68 -32.29 14.99
N LYS B 389 -39.24 -32.87 13.91
CA LYS B 389 -40.08 -34.09 14.03
C LYS B 389 -39.28 -35.32 14.45
N ILE B 390 -38.05 -35.45 13.94
CA ILE B 390 -37.18 -36.59 14.30
C ILE B 390 -36.76 -36.53 15.76
N VAL B 391 -36.34 -35.35 16.20
CA VAL B 391 -36.03 -35.08 17.62
C VAL B 391 -37.26 -35.32 18.53
N ALA B 392 -38.45 -34.95 18.04
CA ALA B 392 -39.70 -35.19 18.76
C ALA B 392 -40.11 -36.67 18.91
N ARG B 393 -39.53 -37.59 18.12
CA ARG B 393 -39.84 -39.04 18.25
CA ARG B 393 -39.83 -39.03 18.20
C ARG B 393 -38.69 -39.87 18.83
N GLN B 394 -37.65 -39.23 19.38
CA GLN B 394 -36.57 -39.95 20.11
C GLN B 394 -37.05 -40.43 21.50
ZN ZN C . 19.57 21.19 -6.37
CA CA D . 17.40 19.10 -4.40
CA CA E . 2.61 25.41 -16.75
C1 CIT F . -12.95 -14.61 8.51
O1 CIT F . -13.30 -13.95 9.51
O2 CIT F . -12.09 -14.12 7.74
C2 CIT F . -13.59 -15.96 8.25
C3 CIT F . -14.18 -16.09 6.83
O7 CIT F . -13.13 -15.95 5.84
C4 CIT F . -15.25 -15.00 6.57
C5 CIT F . -15.86 -15.08 5.20
O3 CIT F . -17.10 -15.19 5.10
O4 CIT F . -15.15 -15.03 4.16
C6 CIT F . -14.76 -17.49 6.69
O5 CIT F . -14.86 -18.04 5.56
O6 CIT F . -15.13 -18.15 7.70
C1 CIT G . 15.05 10.82 -8.68
O1 CIT G . 14.32 11.62 -9.28
O2 CIT G . 14.55 9.78 -8.17
C2 CIT G . 16.54 11.06 -8.64
C3 CIT G . 17.09 11.75 -7.39
O7 CIT G . 16.91 10.88 -6.24
C4 CIT G . 16.51 13.14 -7.11
C5 CIT G . 17.15 13.75 -5.88
O3 CIT G . 17.89 14.77 -5.97
O4 CIT G . 16.97 13.25 -4.74
C6 CIT G . 18.59 11.93 -7.62
O5 CIT G . 19.03 12.36 -8.71
O6 CIT G . 19.38 11.62 -6.70
C1 IPA H . 26.33 3.46 -8.25
C2 IPA H . 25.54 4.75 -8.41
C3 IPA H . 24.25 4.66 -7.61
O2 IPA H . 26.29 5.83 -7.89
C1 PEG I . 22.32 25.18 16.98
O1 PEG I . 22.16 26.14 18.04
C2 PEG I . 21.02 24.42 16.75
O2 PEG I . 20.34 24.99 15.63
C3 PEG I . 18.90 25.04 15.68
C4 PEG I . 18.39 26.14 14.78
O4 PEG I . 17.18 26.72 15.31
C1 PEG J . 13.06 4.64 -22.95
O1 PEG J . 13.99 3.62 -22.54
C2 PEG J . 12.26 5.14 -21.75
O2 PEG J . 12.58 6.53 -21.50
C3 PEG J . 11.43 7.33 -21.15
C1 PEG K . 25.88 16.87 8.41
O1 PEG K . 24.93 16.39 7.46
C2 PEG K . 25.70 16.12 9.72
O2 PEG K . 26.27 16.85 10.82
C3 PEG K . 25.31 17.52 11.65
C4 PEG K . 25.90 18.14 12.90
O4 PEG K . 25.13 17.85 14.06
O1 PG4 L . 36.61 24.67 6.80
C1 PG4 L . 35.87 23.88 7.75
C2 PG4 L . 36.06 24.40 9.18
O2 PG4 L . 35.95 25.82 9.26
C3 PG4 L . 36.00 26.33 10.59
C4 PG4 L . 36.15 27.85 10.59
O3 PG4 L . 37.43 28.22 10.07
C5 PG4 L . 37.75 29.59 10.30
C6 PG4 L . 38.50 30.15 9.09
O4 PG4 L . 39.62 29.29 8.81
C7 PG4 L . 40.51 29.83 7.84
C8 PG4 L . 41.28 28.69 7.18
O5 PG4 L . 40.46 27.92 6.26
ZN ZN M . -23.92 -16.45 7.09
CA CA N . -21.64 -14.49 5.26
CA CA O . -18.50 -37.28 5.15
CA CA P . -23.11 -1.00 20.10
C1 PEG Q . -32.47 -24.35 -8.88
O1 PEG Q . -33.25 -25.15 -7.97
C2 PEG Q . -32.28 -25.12 -10.18
O2 PEG Q . -33.18 -24.71 -11.22
C3 PEG Q . -34.58 -24.79 -10.90
C4 PEG Q . -35.40 -25.07 -12.15
O4 PEG Q . -36.79 -24.97 -11.82
C1 PGE R . -31.88 -13.85 -15.35
O1 PGE R . -31.89 -15.20 -15.84
C2 PGE R . -30.51 -13.48 -14.80
O2 PGE R . -30.66 -12.68 -13.62
C3 PGE R . -30.73 -11.28 -13.87
C4 PGE R . -31.30 -10.54 -12.65
O4 PGE R . -34.48 -8.64 -15.24
C6 PGE R . -33.11 -8.44 -14.81
C5 PGE R . -32.95 -8.81 -13.33
O3 PGE R . -31.60 -9.17 -12.99
O1 PG4 S . -32.31 -30.39 -7.12
C1 PG4 S . -31.51 -30.09 -8.26
C2 PG4 S . -32.12 -28.98 -9.09
O2 PG4 S . -33.27 -29.50 -9.73
C3 PG4 S . -34.06 -28.48 -10.34
C4 PG4 S . -35.29 -29.08 -10.99
O3 PG4 S . -36.16 -29.57 -9.95
C5 PG4 S . -37.42 -30.01 -10.46
C6 PG4 S . -38.16 -30.77 -9.37
O4 PG4 S . -37.55 -32.08 -9.26
C7 PG4 S . -38.09 -32.87 -8.20
C8 PG4 S . -37.11 -33.97 -7.83
O5 PG4 S . -36.05 -33.43 -7.03
O1 PG4 T . -16.12 -35.91 6.55
C1 PG4 T . -16.28 -36.48 7.85
C2 PG4 T . -16.38 -38.01 7.79
O2 PG4 T . -17.76 -38.40 7.65
C3 PG4 T . -17.99 -39.83 7.60
C4 PG4 T . -19.36 -40.18 6.97
O3 PG4 T . -19.44 -39.75 5.59
C5 PG4 T . -20.77 -39.87 5.02
C6 PG4 T . -20.85 -39.32 3.59
O4 PG4 T . -20.17 -38.06 3.42
C7 PG4 T . -19.84 -37.73 2.03
C8 PG4 T . -18.35 -37.81 1.73
#